data_9LVB
#
_entry.id   9LVB
#
_cell.length_a   1.00
_cell.length_b   1.00
_cell.length_c   1.00
_cell.angle_alpha   90.00
_cell.angle_beta   90.00
_cell.angle_gamma   90.00
#
_symmetry.space_group_name_H-M   'P 1'
#
loop_
_entity.id
_entity.type
_entity.pdbx_description
1 polymer 'Auxin transporter protein 1,Soluble cytochrome b562'
2 polymer 'heavy chain'
3 polymer 'light chain'
4 polymer Nanobody
#
loop_
_entity_poly.entity_id
_entity_poly.type
_entity_poly.pdbx_seq_one_letter_code
_entity_poly.pdbx_strand_id
1 'polypeptide(L)'
;MHHHHHHHHHHGSVEDYKDDDDKGSMSEGVEAIVANDNGTDQVNGNRTGKDNEEHDGSTGSNLSNFLWHGGSVWDAWFSC
ASNQVAQVLLTLPYSFSQLGMLSGIVLQIFYGLLGSWTAYLISVLYVEYRARKEKEGKSFKADLEDNWETLNDNLKVIEK
ADNAAQVKDALTKMRAAALDAQKATPPKLEDKSPDSPEMKDFRHGFDILVGQIDDALKLANEGKVKEAQAAAEQLKTTRN
AYIQKYLNHVIQWFEVLDGLLGSYWKALGLAFNCTFLLFGSVIQLIACASNIYYINDHLDKRTWTYIFGACCATTVFIPS
FHNYRIWSFLGLGMTTYTAWYLAIASIIHGQAEGVKHSGPTKLVLYFTGATNILYTFGGHAVTVEIMHAMWKPQKFKYIY
LMATLYVFTLTIPSAAAVYWAFGDALLDHSNAFSLMPKNAWRDAAVILMLIHQFITFGFACTPLYFVWEKVIGMHDTKSI
CLRALARLPVVIPIWFLAIIFPFFGPINSAVGALLVSFTVYIIPSLAHMLTYRSASARQNAAEKPPFFMPSWTAMYVLNA
FVVVWVLIVGFGFGGWASVTNFVRQVDTFGLFAKCYQCKPAAAAAHAPVSALHHRL
;
A
2 'polypeptide(L)'
;MGWSLILLFLVAVATRVLSEISEVQLVESGGGLVQPGGSLRLSCAASGFNVVDFSLHWVRQAPGKGLEWVAYISSSSGST
SYADSVKGRFTISADTSKNTAYLQMNSLRAEDTAVYYCARWGYWPGEPWWKAFDYWGQGTLVTVSSASTKGPSVFPLAPS
SKSTSGGTAALGCLVKDYFPEPVTVSWNSGALTSGVHTFPAVLQSSGLYSLSSVVTVPSSSLGTQTYICNVNHKPSNTKV
DKKVEPKSCDKHHHHHH
;
H
3 'polypeptide(L)'
;MGWSCIILFLVATATGVHSSDIQMTQSPSSLSASVGDRVTITCRASQSVSSAVAWYQQKPGKAPKLLIYSASSLYSGVPS
RFSGSRSGTDFTLTISSLQPEDFATYYCQQYLYYSLVTFGQGTKVEIKRTVAAPSVFIFPPSDSQLKSGTASVVCLLNNF
YPREAKVQWKVDNALQSGNSQESVTEQDSKDSTYSLSSTLTLSKADYEKHKVYACEVTHQGLSSPVTKSFNRGEC
;
L
4 'polypeptide(L)'
;MDMRVPAQLLGLLLLWLSGARCMDYKDDDDKGGSQVQLQESGGGLVQPGGSLRLSCAASGRTISRYAMSWFRQAPGKERE
FVAVARRSGDGAFYADSVQGRFTVSRDDAKNTVYLQMNSLKPEDTAVYYCAIDSDTFYSGSYDYWGQGTQVTVSSLEHHH
HHHGSDYKDDDDK
;
N
#
# COMPACT_ATOMS: atom_id res chain seq x y z
N GLY A 70 -3.80 30.80 -6.73
CA GLY A 70 -3.51 31.85 -5.77
C GLY A 70 -2.02 32.03 -5.53
N GLY A 71 -1.45 31.18 -4.69
CA GLY A 71 -0.04 31.19 -4.36
C GLY A 71 0.26 31.63 -2.94
N SER A 72 -0.67 32.34 -2.30
CA SER A 72 -0.53 32.74 -0.89
C SER A 72 0.79 33.50 -0.67
N VAL A 73 1.10 34.41 -1.58
CA VAL A 73 2.25 35.29 -1.44
C VAL A 73 1.85 36.71 -1.05
N TRP A 74 0.56 37.04 -1.09
CA TRP A 74 0.10 38.38 -0.74
C TRP A 74 0.54 38.74 0.67
N ASP A 75 0.54 37.77 1.58
CA ASP A 75 0.92 38.05 2.97
C ASP A 75 2.38 38.51 3.07
N ALA A 76 3.29 37.75 2.44
CA ALA A 76 4.69 38.14 2.47
C ALA A 76 4.90 39.47 1.76
N TRP A 77 4.24 39.66 0.62
CA TRP A 77 4.28 40.95 -0.06
C TRP A 77 3.90 42.07 0.90
N PHE A 78 2.78 41.92 1.60
CA PHE A 78 2.30 42.96 2.49
C PHE A 78 3.30 43.23 3.60
N SER A 79 3.84 42.17 4.20
CA SER A 79 4.75 42.35 5.33
C SER A 79 6.02 43.09 4.90
N CYS A 80 6.66 42.61 3.83
CA CYS A 80 7.90 43.24 3.40
C CYS A 80 7.65 44.67 2.92
N ALA A 81 6.55 44.89 2.21
CA ALA A 81 6.21 46.24 1.79
C ALA A 81 5.99 47.14 3.00
N SER A 82 5.42 46.59 4.07
CA SER A 82 5.22 47.39 5.28
C SER A 82 6.54 47.80 5.89
N ASN A 83 7.49 46.86 5.98
CA ASN A 83 8.80 47.21 6.53
C ASN A 83 9.49 48.28 5.67
N GLN A 84 9.53 48.04 4.37
CA GLN A 84 10.16 48.98 3.46
C GLN A 84 9.47 50.34 3.54
N VAL A 85 8.15 50.34 3.67
CA VAL A 85 7.38 51.58 3.76
C VAL A 85 7.73 52.32 5.04
N ALA A 86 7.88 51.60 6.14
CA ALA A 86 8.26 52.28 7.39
C ALA A 86 9.59 53.00 7.23
N GLN A 87 10.61 52.28 6.75
CA GLN A 87 11.92 52.92 6.61
C GLN A 87 11.85 54.09 5.64
N VAL A 88 11.23 53.88 4.48
CA VAL A 88 11.16 54.93 3.48
C VAL A 88 10.40 56.13 4.00
N LEU A 89 9.28 55.90 4.70
CA LEU A 89 8.50 57.01 5.21
C LEU A 89 9.31 57.80 6.22
N LEU A 90 10.13 57.11 7.00
CA LEU A 90 11.03 57.83 7.90
C LEU A 90 11.95 58.76 7.12
N THR A 91 12.56 58.25 6.05
CA THR A 91 13.62 59.01 5.39
C THR A 91 13.15 59.89 4.22
N LEU A 92 11.89 59.81 3.82
CA LEU A 92 11.51 60.31 2.49
C LEU A 92 11.65 61.81 2.34
N PRO A 93 11.15 62.64 3.26
CA PRO A 93 11.13 64.09 2.97
C PRO A 93 12.49 64.64 2.57
N TYR A 94 13.58 64.04 3.02
CA TYR A 94 14.90 64.52 2.63
C TYR A 94 15.09 64.42 1.12
N SER A 95 14.68 63.29 0.53
CA SER A 95 14.73 63.16 -0.92
C SER A 95 13.60 63.93 -1.59
N PHE A 96 12.45 64.05 -0.91
CA PHE A 96 11.34 64.80 -1.48
C PHE A 96 11.75 66.22 -1.84
N SER A 97 12.37 66.93 -0.88
CA SER A 97 12.87 68.26 -1.19
C SER A 97 13.96 68.21 -2.25
N GLN A 98 14.83 67.20 -2.17
CA GLN A 98 15.92 67.08 -3.14
C GLN A 98 15.42 66.80 -4.54
N LEU A 99 14.16 66.42 -4.70
CA LEU A 99 13.62 65.99 -5.99
C LEU A 99 12.62 66.98 -6.58
N GLY A 100 11.96 67.79 -5.77
CA GLY A 100 10.95 68.70 -6.26
C GLY A 100 9.56 68.08 -6.17
N MET A 101 8.56 68.95 -6.04
CA MET A 101 7.19 68.50 -5.81
C MET A 101 6.69 67.63 -6.97
N LEU A 102 6.58 68.22 -8.16
CA LEU A 102 6.01 67.48 -9.30
C LEU A 102 6.84 66.26 -9.64
N SER A 103 8.17 66.42 -9.69
CA SER A 103 9.04 65.28 -9.98
C SER A 103 8.88 64.20 -8.92
N GLY A 104 8.83 64.60 -7.65
CA GLY A 104 8.65 63.61 -6.59
C GLY A 104 7.36 62.84 -6.75
N ILE A 105 6.26 63.54 -6.99
CA ILE A 105 4.97 62.88 -7.10
C ILE A 105 4.96 61.93 -8.29
N VAL A 106 5.44 62.39 -9.44
CA VAL A 106 5.39 61.56 -10.65
C VAL A 106 6.27 60.33 -10.48
N LEU A 107 7.48 60.51 -9.95
CA LEU A 107 8.37 59.36 -9.77
C LEU A 107 7.77 58.38 -8.78
N GLN A 108 7.18 58.88 -7.68
CA GLN A 108 6.58 57.99 -6.70
C GLN A 108 5.48 57.15 -7.34
N ILE A 109 4.56 57.80 -8.07
CA ILE A 109 3.45 57.05 -8.65
C ILE A 109 3.98 56.01 -9.63
N PHE A 110 4.90 56.41 -10.52
CA PHE A 110 5.34 55.48 -11.54
C PHE A 110 6.08 54.31 -10.93
N TYR A 111 6.96 54.56 -9.96
CA TYR A 111 7.71 53.47 -9.35
C TYR A 111 6.78 52.55 -8.56
N GLY A 112 5.75 53.09 -7.92
CA GLY A 112 4.80 52.23 -7.24
C GLY A 112 4.04 51.32 -8.18
N LEU A 113 3.57 51.88 -9.30
CA LEU A 113 2.87 51.04 -10.28
C LEU A 113 3.80 49.96 -10.83
N LEU A 114 5.05 50.32 -11.14
CA LEU A 114 5.99 49.33 -11.65
C LEU A 114 6.28 48.26 -10.60
N GLY A 115 6.38 48.65 -9.33
CA GLY A 115 6.60 47.68 -8.29
C GLY A 115 5.44 46.70 -8.17
N SER A 116 4.21 47.20 -8.25
CA SER A 116 3.06 46.30 -8.24
C SER A 116 3.09 45.36 -9.43
N TRP A 117 3.46 45.88 -10.60
CA TRP A 117 3.54 45.03 -11.78
C TRP A 117 4.58 43.93 -11.59
N THR A 118 5.74 44.28 -11.02
CA THR A 118 6.77 43.27 -10.79
C THR A 118 6.34 42.25 -9.75
N ALA A 119 5.57 42.68 -8.75
CA ALA A 119 5.01 41.73 -7.81
C ALA A 119 4.08 40.75 -8.52
N TYR A 120 3.25 41.26 -9.42
CA TYR A 120 2.38 40.37 -10.19
C TYR A 120 3.20 39.40 -11.02
N LEU A 121 4.29 39.89 -11.62
CA LEU A 121 5.14 39.02 -12.43
C LEU A 121 5.77 37.92 -11.60
N ILE A 122 6.26 38.25 -10.40
CA ILE A 122 6.89 37.24 -9.57
C ILE A 122 5.85 36.23 -9.09
N SER A 123 4.64 36.69 -8.79
CA SER A 123 3.57 35.76 -8.43
C SER A 123 3.30 34.79 -9.58
N VAL A 124 3.22 35.31 -10.81
CA VAL A 124 2.98 34.45 -11.97
C VAL A 124 4.11 33.45 -12.12
N LEU A 125 5.35 33.90 -11.95
CA LEU A 125 6.49 33.00 -12.12
C LEU A 125 6.46 31.90 -11.06
N TYR A 126 6.20 32.27 -9.82
CA TYR A 126 6.18 31.29 -8.76
C TYR A 126 5.13 30.23 -9.06
N VAL A 127 3.94 30.67 -9.44
CA VAL A 127 2.86 29.73 -9.73
C VAL A 127 3.25 28.85 -10.90
N GLU A 128 3.83 29.44 -11.93
CA GLU A 128 4.26 28.66 -13.09
C GLU A 128 5.23 27.60 -12.62
N TYR A 129 6.21 28.00 -11.82
CA TYR A 129 7.20 27.05 -11.32
C TYR A 129 6.52 25.95 -10.52
N ARG A 130 5.63 26.32 -9.61
CA ARG A 130 4.91 25.33 -8.81
C ARG A 130 4.09 24.44 -9.72
N ALA A 131 3.42 25.05 -10.69
CA ALA A 131 2.57 24.27 -11.60
C ALA A 131 3.35 23.25 -12.39
N ARG A 132 4.48 23.66 -12.96
CA ARG A 132 5.27 22.75 -13.77
C ARG A 132 5.69 21.59 -12.89
N LYS A 133 6.14 21.90 -11.68
CA LYS A 133 6.52 20.86 -10.75
C LYS A 133 5.40 19.82 -10.64
N GLU A 134 4.23 20.26 -10.20
CA GLU A 134 3.11 19.34 -10.04
C GLU A 134 2.90 18.48 -11.28
N LYS A 135 3.01 19.07 -12.47
CA LYS A 135 2.68 18.36 -13.70
C LYS A 135 3.83 17.48 -14.16
N GLU A 136 4.98 18.09 -14.48
CA GLU A 136 6.13 17.31 -14.91
C GLU A 136 6.61 16.36 -13.83
N GLY A 137 6.35 16.68 -12.55
CA GLY A 137 6.65 15.74 -11.49
C GLY A 137 5.91 14.44 -11.70
N LYS A 138 6.65 13.33 -11.68
CA LYS A 138 6.06 12.04 -11.97
C LYS A 138 4.92 11.74 -10.99
N SER A 139 3.85 11.15 -11.52
CA SER A 139 2.68 10.84 -10.71
C SER A 139 2.98 9.79 -9.64
N PHE A 140 4.11 9.10 -9.73
CA PHE A 140 4.50 8.17 -8.68
C PHE A 140 4.57 8.91 -7.35
N LYS A 141 4.23 8.18 -6.28
CA LYS A 141 3.99 8.70 -4.92
C LYS A 141 2.58 9.25 -4.80
N ALA A 142 1.71 9.01 -5.78
CA ALA A 142 0.30 9.31 -5.58
C ALA A 142 -0.33 8.35 -4.59
N ASP A 143 0.14 7.10 -4.52
CA ASP A 143 -0.48 6.11 -3.65
C ASP A 143 -0.64 6.62 -2.23
N LEU A 144 0.33 7.38 -1.74
CA LEU A 144 0.16 7.94 -0.44
C LEU A 144 -1.08 8.81 -0.48
N GLU A 145 -1.15 9.65 -1.48
CA GLU A 145 -2.26 10.60 -1.55
C GLU A 145 -3.60 9.87 -1.50
N ASP A 146 -3.73 8.75 -2.24
CA ASP A 146 -4.96 7.98 -2.17
C ASP A 146 -5.18 7.44 -0.76
N ASN A 147 -4.11 6.96 -0.12
CA ASN A 147 -4.25 6.46 1.25
C ASN A 147 -4.73 7.57 2.18
N TRP A 148 -4.16 8.77 2.06
CA TRP A 148 -4.54 9.87 2.94
C TRP A 148 -5.98 10.29 2.70
N GLU A 149 -6.40 10.36 1.44
CA GLU A 149 -7.79 10.67 1.13
C GLU A 149 -8.72 9.58 1.69
N THR A 150 -8.29 8.32 1.62
CA THR A 150 -9.07 7.25 2.21
C THR A 150 -9.23 7.46 3.71
N LEU A 151 -8.14 7.81 4.40
CA LEU A 151 -8.23 8.05 5.84
C LEU A 151 -9.21 9.18 6.12
N ASN A 152 -9.08 10.29 5.39
CA ASN A 152 -9.96 11.43 5.64
C ASN A 152 -11.42 11.06 5.43
N ASP A 153 -11.72 10.45 4.28
CA ASP A 153 -13.11 10.10 3.98
C ASP A 153 -13.67 9.12 4.99
N ASN A 154 -12.87 8.13 5.39
CA ASN A 154 -13.38 7.10 6.29
C ASN A 154 -13.55 7.65 7.70
N LEU A 155 -12.69 8.57 8.13
CA LEU A 155 -12.91 9.23 9.41
C LEU A 155 -14.18 10.07 9.37
N LYS A 156 -14.43 10.76 8.26
CA LYS A 156 -15.67 11.51 8.13
C LYS A 156 -16.87 10.58 8.20
N VAL A 157 -16.77 9.41 7.55
CA VAL A 157 -17.85 8.43 7.61
C VAL A 157 -18.05 7.95 9.05
N ILE A 158 -16.95 7.65 9.74
CA ILE A 158 -17.02 7.23 11.14
C ILE A 158 -17.77 8.27 11.95
N GLU A 159 -17.45 9.54 11.75
CA GLU A 159 -18.21 10.60 12.40
C GLU A 159 -19.68 10.51 12.04
N LYS A 160 -19.98 10.30 10.76
CA LYS A 160 -21.37 10.13 10.34
C LYS A 160 -21.91 8.77 10.74
N ALA A 161 -21.04 7.79 10.96
CA ALA A 161 -21.49 6.44 11.29
C ALA A 161 -22.16 6.42 12.66
N ASP A 162 -23.14 5.54 12.81
CA ASP A 162 -23.90 5.38 14.04
C ASP A 162 -23.70 4.02 14.68
N ASN A 163 -23.95 2.94 13.95
CA ASN A 163 -23.83 1.60 14.50
C ASN A 163 -22.41 1.08 14.37
N ALA A 164 -22.16 -0.10 14.94
CA ALA A 164 -20.82 -0.65 14.99
C ALA A 164 -20.34 -1.20 13.65
N ALA A 165 -21.26 -1.62 12.78
CA ALA A 165 -20.85 -2.29 11.55
C ALA A 165 -19.98 -1.39 10.68
N GLN A 166 -20.46 -0.17 10.39
CA GLN A 166 -19.73 0.72 9.50
C GLN A 166 -18.37 1.09 10.08
N VAL A 167 -18.32 1.39 11.37
CA VAL A 167 -17.09 1.88 11.97
C VAL A 167 -15.99 0.81 11.90
N LYS A 168 -16.35 -0.45 12.15
CA LYS A 168 -15.35 -1.51 12.11
C LYS A 168 -14.80 -1.70 10.70
N ASP A 169 -15.67 -1.70 9.69
CA ASP A 169 -15.21 -1.84 8.32
C ASP A 169 -14.28 -0.68 7.95
N ALA A 170 -14.66 0.54 8.34
CA ALA A 170 -13.75 1.66 8.14
C ALA A 170 -12.41 1.38 8.81
N LEU A 171 -12.45 1.05 10.10
CA LEU A 171 -11.23 0.79 10.86
C LEU A 171 -10.31 -0.17 10.12
N THR A 172 -10.87 -1.23 9.56
CA THR A 172 -10.05 -2.11 8.72
C THR A 172 -9.52 -1.37 7.51
N LYS A 173 -10.35 -0.54 6.88
CA LYS A 173 -9.97 0.10 5.63
C LYS A 173 -8.76 1.02 5.79
N MET A 174 -8.82 1.97 6.73
CA MET A 174 -7.67 2.86 6.81
C MET A 174 -6.47 2.17 7.43
N ARG A 175 -6.66 1.11 8.20
CA ARG A 175 -5.51 0.36 8.67
C ARG A 175 -4.77 -0.28 7.51
N ALA A 176 -5.51 -0.88 6.58
CA ALA A 176 -4.87 -1.40 5.38
C ALA A 176 -4.20 -0.28 4.59
N ALA A 177 -4.87 0.87 4.48
CA ALA A 177 -4.27 1.99 3.76
C ALA A 177 -2.96 2.43 4.39
N ALA A 178 -2.94 2.55 5.73
CA ALA A 178 -1.72 2.96 6.42
C ALA A 178 -0.63 1.92 6.28
N LEU A 179 -0.98 0.63 6.28
CA LEU A 179 0.02 -0.39 6.11
C LEU A 179 0.63 -0.32 4.71
N ASP A 180 -0.19 -0.01 3.69
CA ASP A 180 0.37 0.31 2.38
C ASP A 180 1.34 1.48 2.46
N ALA A 181 0.89 2.59 3.08
CA ALA A 181 1.67 3.81 3.07
C ALA A 181 3.00 3.65 3.79
N GLN A 182 3.05 2.84 4.85
CA GLN A 182 4.28 2.73 5.63
C GLN A 182 5.46 2.30 4.77
N LYS A 183 5.21 1.53 3.71
CA LYS A 183 6.27 1.06 2.82
C LYS A 183 6.52 2.01 1.66
N ALA A 184 5.86 3.15 1.61
CA ALA A 184 6.04 4.12 0.55
C ALA A 184 6.86 5.30 1.05
N THR A 185 7.90 5.65 0.32
CA THR A 185 8.76 6.75 0.72
C THR A 185 8.00 8.07 0.59
N PRO A 186 8.05 8.96 1.58
CA PRO A 186 7.37 10.23 1.44
C PRO A 186 8.02 11.08 0.37
N PRO A 187 7.29 12.05 -0.20
CA PRO A 187 7.86 12.84 -1.31
C PRO A 187 8.92 13.84 -0.88
N LYS A 188 9.34 13.80 0.39
CA LYS A 188 10.28 14.78 0.91
C LYS A 188 11.71 14.26 0.99
N LEU A 189 11.89 12.99 1.29
CA LEU A 189 13.20 12.42 1.63
C LEU A 189 13.54 11.27 0.70
N GLU A 190 13.30 11.45 -0.60
CA GLU A 190 13.60 10.39 -1.56
C GLU A 190 15.10 10.16 -1.68
N ASP A 191 15.91 11.20 -1.57
CA ASP A 191 17.36 11.07 -1.74
C ASP A 191 18.03 10.41 -0.55
N LYS A 192 17.34 10.27 0.58
CA LYS A 192 17.94 9.69 1.77
C LYS A 192 18.03 8.17 1.65
N SER A 193 18.89 7.58 2.47
CA SER A 193 19.04 6.14 2.50
C SER A 193 17.83 5.50 3.18
N PRO A 194 17.52 4.25 2.83
CA PRO A 194 16.39 3.57 3.51
C PRO A 194 16.60 3.44 5.00
N ASP A 195 17.83 3.29 5.46
CA ASP A 195 18.14 3.18 6.88
C ASP A 195 18.41 4.53 7.53
N SER A 196 18.24 5.63 6.80
CA SER A 196 18.53 6.94 7.36
C SER A 196 17.62 7.20 8.56
N PRO A 197 18.11 7.91 9.57
CA PRO A 197 17.26 8.16 10.75
C PRO A 197 15.93 8.82 10.42
N GLU A 198 15.93 9.74 9.44
CA GLU A 198 14.69 10.40 9.08
C GLU A 198 13.65 9.40 8.58
N MET A 199 14.06 8.48 7.72
CA MET A 199 13.15 7.42 7.28
C MET A 199 12.75 6.53 8.45
N LYS A 200 13.68 6.27 9.36
CA LYS A 200 13.35 5.49 10.55
C LYS A 200 12.32 6.21 11.40
N ASP A 201 12.49 7.53 11.57
CA ASP A 201 11.50 8.29 12.32
C ASP A 201 10.14 8.28 11.64
N PHE A 202 10.13 8.38 10.31
CA PHE A 202 8.88 8.32 9.57
C PHE A 202 8.17 6.98 9.77
N ARG A 203 8.93 5.88 9.70
CA ARG A 203 8.36 4.56 9.92
C ARG A 203 7.87 4.40 11.34
N HIS A 204 8.61 4.95 12.31
CA HIS A 204 8.16 4.89 13.71
C HIS A 204 6.86 5.66 13.90
N GLY A 205 6.74 6.83 13.27
CA GLY A 205 5.50 7.57 13.34
C GLY A 205 4.34 6.79 12.75
N PHE A 206 4.57 6.14 11.60
CA PHE A 206 3.51 5.31 11.04
C PHE A 206 3.18 4.13 11.95
N ASP A 207 4.18 3.58 12.64
CA ASP A 207 3.93 2.49 13.57
C ASP A 207 3.04 2.95 14.73
N ILE A 208 3.31 4.12 15.28
CA ILE A 208 2.45 4.59 16.37
C ILE A 208 1.05 4.90 15.84
N LEU A 209 0.96 5.39 14.61
CA LEU A 209 -0.35 5.57 13.98
C LEU A 209 -1.11 4.26 13.92
N VAL A 210 -0.44 3.20 13.47
CA VAL A 210 -1.08 1.88 13.37
C VAL A 210 -1.48 1.39 14.76
N GLY A 211 -0.65 1.66 15.77
CA GLY A 211 -1.01 1.28 17.12
C GLY A 211 -2.27 1.98 17.60
N GLN A 212 -2.40 3.27 17.28
CA GLN A 212 -3.61 3.99 17.65
C GLN A 212 -4.83 3.41 16.92
N ILE A 213 -4.66 3.07 15.64
CA ILE A 213 -5.76 2.45 14.89
C ILE A 213 -6.17 1.14 15.56
N ASP A 214 -5.18 0.34 15.96
CA ASP A 214 -5.47 -0.93 16.62
C ASP A 214 -6.21 -0.71 17.92
N ASP A 215 -5.81 0.31 18.70
CA ASP A 215 -6.51 0.61 19.93
C ASP A 215 -7.97 0.98 19.65
N ALA A 216 -8.18 1.82 18.64
CA ALA A 216 -9.55 2.22 18.29
C ALA A 216 -10.38 1.01 17.90
N LEU A 217 -9.83 0.14 17.05
CA LEU A 217 -10.56 -1.06 16.64
C LEU A 217 -10.85 -1.97 17.82
N LYS A 218 -9.87 -2.15 18.70
CA LYS A 218 -10.09 -2.95 19.90
C LYS A 218 -11.25 -2.41 20.72
N LEU A 219 -11.32 -1.08 20.86
CA LEU A 219 -12.48 -0.50 21.52
C LEU A 219 -13.76 -0.80 20.74
N ALA A 220 -13.70 -0.74 19.42
CA ALA A 220 -14.90 -0.94 18.61
C ALA A 220 -15.47 -2.35 18.80
N ASN A 221 -14.60 -3.36 18.80
CA ASN A 221 -15.08 -4.74 18.93
C ASN A 221 -15.87 -4.94 20.21
N GLU A 222 -15.56 -4.18 21.26
CA GLU A 222 -16.24 -4.32 22.54
C GLU A 222 -17.67 -3.79 22.50
N GLY A 223 -18.07 -3.09 21.43
CA GLY A 223 -19.37 -2.48 21.36
C GLY A 223 -19.43 -1.06 21.87
N LYS A 224 -18.33 -0.53 22.41
CA LYS A 224 -18.28 0.83 22.91
C LYS A 224 -18.05 1.77 21.72
N VAL A 225 -19.13 1.96 20.95
CA VAL A 225 -19.02 2.75 19.72
C VAL A 225 -18.68 4.20 20.03
N LYS A 226 -19.23 4.75 21.12
CA LYS A 226 -18.93 6.14 21.45
C LYS A 226 -17.44 6.35 21.63
N GLU A 227 -16.77 5.47 22.37
CA GLU A 227 -15.34 5.61 22.59
C GLU A 227 -14.56 5.43 21.29
N ALA A 228 -15.13 4.71 20.33
CA ALA A 228 -14.49 4.61 19.02
C ALA A 228 -14.38 5.98 18.37
N GLN A 229 -15.41 6.82 18.51
CA GLN A 229 -15.34 8.18 17.99
C GLN A 229 -14.23 8.96 18.66
N ALA A 230 -14.09 8.83 19.98
CA ALA A 230 -13.03 9.53 20.69
C ALA A 230 -11.66 9.07 20.20
N ALA A 231 -11.47 7.76 20.01
CA ALA A 231 -10.20 7.26 19.51
C ALA A 231 -9.94 7.76 18.10
N ALA A 232 -10.98 7.84 17.27
CA ALA A 232 -10.82 8.37 15.93
C ALA A 232 -10.38 9.82 15.97
N GLU A 233 -10.98 10.62 16.85
CA GLU A 233 -10.56 12.01 16.99
C GLU A 233 -9.12 12.09 17.47
N GLN A 234 -8.73 11.19 18.38
CA GLN A 234 -7.35 11.17 18.86
C GLN A 234 -6.39 10.90 17.72
N LEU A 235 -6.70 9.90 16.89
CA LEU A 235 -5.81 9.60 15.77
C LEU A 235 -5.84 10.73 14.75
N LYS A 236 -6.97 11.42 14.61
CA LYS A 236 -7.05 12.55 13.71
C LYS A 236 -6.12 13.68 14.15
N THR A 237 -6.17 14.03 15.43
CA THR A 237 -5.26 15.07 15.93
C THR A 237 -3.81 14.61 15.87
N THR A 238 -3.56 13.31 16.12
CA THR A 238 -2.19 12.81 16.04
C THR A 238 -1.64 12.94 14.63
N ARG A 239 -2.37 12.44 13.63
CA ARG A 239 -1.89 12.53 12.26
C ARG A 239 -1.80 13.98 11.81
N ASN A 240 -2.71 14.84 12.29
CA ASN A 240 -2.57 16.26 12.00
C ASN A 240 -1.24 16.79 12.52
N ALA A 241 -1.04 16.77 13.83
CA ALA A 241 0.15 17.34 14.43
C ALA A 241 1.42 16.69 13.89
N TYR A 242 1.32 15.49 13.34
CA TYR A 242 2.47 14.85 12.74
C TYR A 242 2.71 15.38 11.33
N ILE A 243 1.77 15.13 10.43
CA ILE A 243 2.03 15.33 9.01
C ILE A 243 1.85 16.78 8.59
N GLN A 244 0.80 17.45 9.08
CA GLN A 244 0.60 18.85 8.70
C GLN A 244 1.82 19.69 9.04
N LYS A 245 2.57 19.33 10.08
CA LYS A 245 3.84 19.96 10.38
C LYS A 245 5.02 19.26 9.71
N TYR A 246 4.82 18.04 9.19
CA TYR A 246 5.87 17.31 8.48
C TYR A 246 5.83 17.59 6.98
N LEU A 247 4.66 17.48 6.36
CA LEU A 247 4.58 17.61 4.90
C LEU A 247 4.61 19.07 4.45
N ASN A 248 4.01 19.97 5.23
CA ASN A 248 3.90 21.36 4.80
C ASN A 248 5.27 22.02 4.81
N HIS A 249 5.63 22.66 3.70
CA HIS A 249 6.91 23.32 3.57
C HIS A 249 6.75 24.54 2.67
N VAL A 250 7.66 25.49 2.83
CA VAL A 250 7.65 26.70 2.05
C VAL A 250 8.70 26.59 0.95
N ILE A 251 8.50 27.35 -0.13
CA ILE A 251 9.41 27.37 -1.27
C ILE A 251 10.01 28.77 -1.35
N GLN A 252 11.32 28.84 -1.47
CA GLN A 252 12.02 30.10 -1.58
C GLN A 252 12.30 30.43 -3.05
N TRP A 253 12.27 31.73 -3.36
CA TRP A 253 12.30 32.14 -4.76
C TRP A 253 13.58 31.72 -5.47
N PHE A 254 14.71 31.66 -4.75
CA PHE A 254 15.93 31.22 -5.41
C PHE A 254 15.81 29.77 -5.88
N GLU A 255 15.10 28.93 -5.12
CA GLU A 255 14.77 27.60 -5.63
C GLU A 255 13.90 27.71 -6.88
N VAL A 256 12.95 28.63 -6.89
CA VAL A 256 12.11 28.83 -8.08
C VAL A 256 12.98 29.20 -9.27
N LEU A 257 13.94 30.11 -9.05
CA LEU A 257 14.84 30.49 -10.13
C LEU A 257 15.66 29.29 -10.59
N ASP A 258 16.10 28.45 -9.65
CA ASP A 258 16.87 27.27 -10.01
C ASP A 258 16.06 26.35 -10.90
N GLY A 259 14.79 26.12 -10.54
CA GLY A 259 13.97 25.19 -11.27
C GLY A 259 13.52 25.65 -12.64
N LEU A 260 13.85 26.88 -13.03
CA LEU A 260 13.41 27.45 -14.29
C LEU A 260 14.55 27.70 -15.28
N LEU A 261 15.57 28.45 -14.87
CA LEU A 261 16.64 28.80 -15.79
C LEU A 261 17.80 27.81 -15.73
N GLY A 262 18.41 27.67 -14.57
CA GLY A 262 19.56 26.80 -14.43
C GLY A 262 20.42 27.22 -13.26
N SER A 263 21.58 26.58 -13.15
CA SER A 263 22.46 26.80 -12.00
C SER A 263 23.10 28.18 -12.04
N TYR A 264 23.51 28.64 -13.23
CA TYR A 264 24.25 29.89 -13.32
C TYR A 264 23.42 31.05 -12.76
N TRP A 265 22.17 31.16 -13.19
CA TRP A 265 21.32 32.24 -12.72
C TRP A 265 21.06 32.11 -11.22
N LYS A 266 20.85 30.88 -10.73
CA LYS A 266 20.74 30.69 -9.29
C LYS A 266 22.03 31.12 -8.59
N ALA A 267 23.18 30.75 -9.16
CA ALA A 267 24.45 31.06 -8.52
C ALA A 267 24.64 32.56 -8.37
N LEU A 268 24.29 33.33 -9.40
CA LEU A 268 24.44 34.77 -9.31
C LEU A 268 23.24 35.47 -8.69
N GLY A 269 22.14 34.74 -8.42
CA GLY A 269 20.99 35.33 -7.76
C GLY A 269 21.04 35.21 -6.25
N LEU A 270 21.57 34.08 -5.76
CA LEU A 270 21.73 33.94 -4.31
C LEU A 270 22.65 35.03 -3.75
N ALA A 271 23.72 35.34 -4.48
CA ALA A 271 24.63 36.40 -4.04
C ALA A 271 23.88 37.71 -3.86
N PHE A 272 23.11 38.11 -4.88
CA PHE A 272 22.36 39.36 -4.79
C PHE A 272 21.36 39.32 -3.65
N ASN A 273 20.65 38.20 -3.51
CA ASN A 273 19.62 38.12 -2.48
C ASN A 273 20.23 38.27 -1.09
N CYS A 274 21.32 37.56 -0.82
CA CYS A 274 21.92 37.63 0.52
C CYS A 274 22.55 38.99 0.76
N THR A 275 23.20 39.57 -0.24
CA THR A 275 23.77 40.89 -0.07
C THR A 275 22.69 41.92 0.25
N PHE A 276 21.58 41.87 -0.50
CA PHE A 276 20.48 42.79 -0.23
C PHE A 276 19.92 42.56 1.17
N LEU A 277 19.79 41.30 1.58
CA LEU A 277 19.27 41.03 2.91
C LEU A 277 20.16 41.62 3.99
N LEU A 278 21.47 41.45 3.87
CA LEU A 278 22.36 41.94 4.92
C LEU A 278 22.40 43.47 4.92
N PHE A 279 22.37 44.10 3.74
CA PHE A 279 22.34 45.55 3.71
C PHE A 279 21.02 46.09 4.26
N GLY A 280 19.92 45.41 3.99
CA GLY A 280 18.66 45.81 4.59
C GLY A 280 18.68 45.68 6.10
N SER A 281 19.31 44.63 6.61
CA SER A 281 19.45 44.48 8.06
C SER A 281 20.29 45.61 8.64
N VAL A 282 21.38 45.98 7.96
CA VAL A 282 22.19 47.10 8.42
C VAL A 282 21.37 48.38 8.45
N ILE A 283 20.59 48.63 7.40
CA ILE A 283 19.74 49.81 7.36
C ILE A 283 18.76 49.79 8.53
N GLN A 284 18.15 48.63 8.77
CA GLN A 284 17.18 48.54 9.86
C GLN A 284 17.84 48.87 11.19
N LEU A 285 19.04 48.34 11.42
CA LEU A 285 19.74 48.62 12.67
C LEU A 285 20.05 50.12 12.79
N ILE A 286 20.66 50.71 11.77
CA ILE A 286 21.04 52.11 11.86
C ILE A 286 19.82 53.01 11.99
N ALA A 287 18.65 52.54 11.56
CA ALA A 287 17.45 53.33 11.78
C ALA A 287 17.21 53.56 13.26
N CYS A 288 17.40 52.52 14.08
CA CYS A 288 17.21 52.67 15.52
C CYS A 288 18.17 53.70 16.10
N ALA A 289 19.43 53.68 15.65
CA ALA A 289 20.39 54.66 16.13
C ALA A 289 19.97 56.07 15.73
N SER A 290 19.56 56.25 14.47
CA SER A 290 19.15 57.57 14.01
C SER A 290 17.85 58.03 14.67
N ASN A 291 17.07 57.12 15.21
CA ASN A 291 15.79 57.48 15.82
C ASN A 291 15.90 57.75 17.32
N ILE A 292 16.32 56.74 18.08
CA ILE A 292 16.23 56.82 19.54
C ILE A 292 16.98 58.02 20.10
N TYR A 293 17.94 58.56 19.35
CA TYR A 293 18.68 59.72 19.84
C TYR A 293 17.75 60.88 20.13
N TYR A 294 16.57 60.91 19.53
CA TYR A 294 15.61 61.98 19.77
C TYR A 294 14.84 61.81 21.07
N ILE A 295 14.84 60.60 21.65
CA ILE A 295 14.27 60.44 22.99
C ILE A 295 15.08 61.25 23.98
N ASN A 296 16.41 61.20 23.88
CA ASN A 296 17.29 61.95 24.75
C ASN A 296 18.68 61.99 24.11
N ASP A 297 19.39 63.09 24.33
CA ASP A 297 20.71 63.30 23.76
C ASP A 297 21.80 63.28 24.82
N HIS A 298 21.68 62.39 25.80
CA HIS A 298 22.64 62.34 26.89
C HIS A 298 23.97 61.71 26.50
N LEU A 299 24.06 61.11 25.30
CA LEU A 299 25.32 60.62 24.79
C LEU A 299 25.21 60.48 23.28
N ASP A 300 26.37 60.43 22.63
CA ASP A 300 26.40 60.41 21.18
C ASP A 300 25.58 59.24 20.63
N LYS A 301 25.20 59.36 19.36
CA LYS A 301 24.49 58.27 18.71
C LYS A 301 25.33 57.00 18.66
N ARG A 302 26.65 57.12 18.74
CA ARG A 302 27.49 55.93 18.69
C ARG A 302 27.35 55.09 19.95
N THR A 303 27.17 55.73 21.10
CA THR A 303 27.01 54.95 22.33
C THR A 303 25.66 54.24 22.37
N TRP A 304 24.60 54.93 21.94
CA TRP A 304 23.31 54.27 21.88
C TRP A 304 23.31 53.19 20.81
N THR A 305 24.10 53.38 19.75
CA THR A 305 24.31 52.32 18.78
C THR A 305 25.05 51.14 19.39
N TYR A 306 26.03 51.38 20.26
CA TYR A 306 26.71 50.30 20.95
C TYR A 306 25.72 49.49 21.80
N ILE A 307 24.92 50.20 22.61
CA ILE A 307 23.99 49.49 23.49
C ILE A 307 22.96 48.72 22.68
N PHE A 308 22.41 49.34 21.67
CA PHE A 308 21.47 48.65 20.86
C PHE A 308 22.10 47.47 20.11
N GLY A 309 23.28 47.60 19.56
CA GLY A 309 23.96 46.50 18.92
C GLY A 309 24.15 45.34 19.87
N ALA A 310 24.56 45.64 21.10
CA ALA A 310 24.67 44.58 22.11
C ALA A 310 23.31 43.93 22.36
N CYS A 311 22.26 44.74 22.45
CA CYS A 311 20.92 44.20 22.69
C CYS A 311 20.52 43.24 21.58
N CYS A 312 20.67 43.65 20.32
CA CYS A 312 20.23 42.80 19.22
C CYS A 312 21.13 41.58 19.06
N ALA A 313 22.44 41.73 19.27
CA ALA A 313 23.35 40.61 19.12
C ALA A 313 23.10 39.56 20.20
N THR A 314 22.89 39.99 21.44
CA THR A 314 22.63 39.04 22.52
C THR A 314 21.42 38.17 22.17
N THR A 315 20.48 38.71 21.40
CA THR A 315 19.40 37.91 20.86
C THR A 315 19.85 37.24 19.55
N VAL A 316 21.01 36.60 19.58
CA VAL A 316 21.47 35.87 18.41
C VAL A 316 20.61 34.64 18.17
N PHE A 317 20.20 33.97 19.25
CA PHE A 317 19.37 32.78 19.12
C PHE A 317 18.07 33.16 18.43
N ILE A 318 17.68 32.36 17.44
CA ILE A 318 16.51 32.67 16.62
C ILE A 318 15.44 31.61 16.84
N PRO A 319 14.44 31.88 17.69
CA PRO A 319 13.29 30.98 17.75
C PRO A 319 12.61 30.90 16.41
N SER A 320 12.16 29.69 16.06
CA SER A 320 11.55 29.44 14.76
C SER A 320 10.16 30.07 14.73
N PHE A 321 10.04 31.24 14.11
CA PHE A 321 8.78 31.95 13.98
C PHE A 321 8.40 32.03 12.50
N HIS A 322 7.09 31.96 12.24
CA HIS A 322 6.57 31.94 10.88
C HIS A 322 5.14 32.45 10.89
N ASN A 323 4.65 32.78 9.70
CA ASN A 323 3.27 33.23 9.51
C ASN A 323 2.98 34.47 10.37
N TYR A 324 3.69 35.54 10.02
CA TYR A 324 3.59 36.81 10.74
C TYR A 324 2.44 37.68 10.25
N ARG A 325 1.47 37.10 9.53
CA ARG A 325 0.36 37.89 9.00
C ARG A 325 -0.39 38.60 10.12
N ILE A 326 -0.72 37.87 11.18
CA ILE A 326 -1.45 38.49 12.29
C ILE A 326 -0.60 39.55 12.96
N TRP A 327 0.70 39.29 13.13
CA TRP A 327 1.58 40.23 13.82
C TRP A 327 1.81 41.48 12.99
N SER A 328 1.54 41.45 11.68
CA SER A 328 1.79 42.59 10.83
C SER A 328 0.64 43.61 10.85
N PHE A 329 -0.52 43.26 11.38
CA PHE A 329 -1.62 44.22 11.45
C PHE A 329 -1.26 45.40 12.36
N LEU A 330 -0.64 45.10 13.51
CA LEU A 330 -0.19 46.18 14.38
C LEU A 330 0.84 47.05 13.69
N GLY A 331 1.78 46.44 12.97
CA GLY A 331 2.73 47.22 12.20
C GLY A 331 2.06 48.13 11.20
N LEU A 332 1.08 47.60 10.47
CA LEU A 332 0.35 48.42 9.49
C LEU A 332 -0.31 49.60 10.17
N GLY A 333 -1.04 49.35 11.25
CA GLY A 333 -1.75 50.43 11.91
C GLY A 333 -0.81 51.50 12.45
N MET A 334 0.30 51.07 13.04
CA MET A 334 1.21 52.05 13.65
C MET A 334 2.00 52.81 12.60
N THR A 335 2.39 52.15 11.50
CA THR A 335 3.04 52.87 10.41
C THR A 335 2.06 53.76 9.67
N THR A 336 0.75 53.52 9.82
CA THR A 336 -0.23 54.50 9.36
C THR A 336 -0.29 55.69 10.30
N TYR A 337 -0.27 55.43 11.62
CA TYR A 337 -0.37 56.51 12.59
C TYR A 337 0.83 57.44 12.52
N THR A 338 2.02 56.88 12.30
CA THR A 338 3.21 57.73 12.24
C THR A 338 3.14 58.72 11.09
N ALA A 339 2.71 58.26 9.91
CA ALA A 339 2.54 59.18 8.79
C ALA A 339 1.40 60.15 9.05
N TRP A 340 0.34 59.68 9.70
CA TRP A 340 -0.72 60.59 10.12
C TRP A 340 -0.14 61.76 10.93
N TYR A 341 0.74 61.44 11.88
CA TYR A 341 1.38 62.48 12.68
C TYR A 341 2.27 63.36 11.80
N LEU A 342 3.11 62.74 10.98
CA LEU A 342 4.03 63.52 10.15
C LEU A 342 3.28 64.48 9.23
N ALA A 343 2.07 64.12 8.83
CA ALA A 343 1.30 64.96 7.93
C ALA A 343 0.50 66.02 8.67
N ILE A 344 -0.39 65.59 9.57
CA ILE A 344 -1.26 66.52 10.28
C ILE A 344 -0.47 67.45 11.19
N ALA A 345 0.76 67.08 11.56
CA ALA A 345 1.56 67.92 12.45
C ALA A 345 1.93 69.27 11.85
N SER A 346 1.54 69.53 10.60
CA SER A 346 1.77 70.84 10.00
C SER A 346 0.55 71.40 9.28
N ILE A 347 -0.49 70.61 9.02
CA ILE A 347 -1.64 71.11 8.28
C ILE A 347 -2.33 72.22 9.05
N ILE A 348 -2.55 72.00 10.35
CA ILE A 348 -3.21 73.00 11.19
C ILE A 348 -2.24 73.73 12.11
N HIS A 349 -1.07 73.15 12.40
CA HIS A 349 -0.07 73.86 13.17
C HIS A 349 0.41 75.11 12.42
N GLY A 350 0.62 74.99 11.12
CA GLY A 350 0.99 76.14 10.31
C GLY A 350 2.43 76.58 10.45
N GLN A 351 3.34 75.65 10.74
CA GLN A 351 4.74 76.01 10.91
C GLN A 351 5.41 76.43 9.60
N ALA A 352 4.76 76.23 8.46
CA ALA A 352 5.35 76.59 7.19
C ALA A 352 5.68 78.08 7.15
N GLU A 353 6.89 78.41 6.71
CA GLU A 353 7.32 79.79 6.55
C GLU A 353 8.68 79.78 5.86
N GLY A 354 9.01 80.91 5.24
CA GLY A 354 10.28 81.01 4.56
C GLY A 354 10.29 80.24 3.24
N VAL A 355 11.50 80.04 2.71
CA VAL A 355 11.66 79.36 1.43
C VAL A 355 11.30 77.89 1.62
N LYS A 356 10.41 77.39 0.78
CA LYS A 356 10.05 75.97 0.76
C LYS A 356 10.23 75.31 -0.58
N HIS A 357 10.10 76.06 -1.68
CA HIS A 357 10.33 75.55 -3.02
C HIS A 357 11.48 76.32 -3.64
N SER A 358 12.58 75.63 -3.93
CA SER A 358 13.73 76.24 -4.60
C SER A 358 14.31 75.38 -5.71
N GLY A 359 13.97 74.10 -5.79
CA GLY A 359 14.51 73.23 -6.79
C GLY A 359 13.61 73.12 -8.01
N PRO A 360 13.79 72.06 -8.80
CA PRO A 360 14.68 70.95 -8.41
C PRO A 360 16.14 71.25 -8.75
N THR A 361 17.04 70.39 -8.31
CA THR A 361 18.45 70.60 -8.56
C THR A 361 18.85 70.01 -9.90
N LYS A 362 19.31 70.86 -10.82
CA LYS A 362 19.78 70.36 -12.09
C LYS A 362 20.96 69.45 -11.81
N LEU A 363 21.60 69.63 -10.67
CA LEU A 363 22.71 68.76 -10.30
C LEU A 363 22.27 67.32 -10.21
N VAL A 364 23.22 66.39 -10.15
CA VAL A 364 22.89 64.97 -10.11
C VAL A 364 22.08 64.59 -8.88
N LEU A 365 22.14 65.41 -7.83
CA LEU A 365 21.38 65.12 -6.61
C LEU A 365 19.93 64.81 -6.95
N TYR A 366 19.43 65.36 -8.05
CA TYR A 366 18.08 65.06 -8.48
C TYR A 366 17.87 63.56 -8.46
N PHE A 367 18.92 62.81 -8.77
CA PHE A 367 18.83 61.36 -8.77
C PHE A 367 19.00 60.80 -7.36
N THR A 368 19.69 61.54 -6.50
CA THR A 368 19.88 61.09 -5.13
C THR A 368 18.54 60.71 -4.51
N GLY A 369 17.48 61.43 -4.87
CA GLY A 369 16.17 61.14 -4.33
C GLY A 369 15.45 60.10 -5.15
N ALA A 370 15.78 60.03 -6.44
CA ALA A 370 15.20 58.99 -7.28
C ALA A 370 15.59 57.61 -6.78
N THR A 371 16.87 57.43 -6.42
CA THR A 371 17.30 56.14 -5.87
C THR A 371 16.61 55.85 -4.54
N ASN A 372 16.49 56.87 -3.69
CA ASN A 372 15.85 56.66 -2.39
C ASN A 372 14.41 56.21 -2.57
N ILE A 373 13.67 56.84 -3.50
CA ILE A 373 12.30 56.43 -3.75
C ILE A 373 12.23 55.08 -4.46
N LEU A 374 13.23 54.75 -5.28
CA LEU A 374 13.32 53.42 -5.86
C LEU A 374 13.44 52.37 -4.77
N TYR A 375 14.13 52.70 -3.68
CA TYR A 375 14.22 51.78 -2.56
C TYR A 375 12.84 51.36 -2.08
N THR A 376 11.83 52.20 -2.29
CA THR A 376 10.47 51.84 -1.93
C THR A 376 9.95 50.79 -2.89
N PHE A 377 8.91 50.07 -2.47
CA PHE A 377 8.35 48.98 -3.26
C PHE A 377 9.40 47.94 -3.59
N GLY A 378 10.40 47.79 -2.73
CA GLY A 378 11.46 46.83 -2.96
C GLY A 378 11.18 45.51 -2.29
N GLY A 379 10.54 45.56 -1.13
CA GLY A 379 10.32 44.36 -0.35
C GLY A 379 9.42 43.34 -1.02
N HIS A 380 8.48 43.81 -1.84
CA HIS A 380 7.45 42.92 -2.37
C HIS A 380 8.04 41.78 -3.20
N ALA A 381 9.21 41.99 -3.80
CA ALA A 381 9.82 40.96 -4.61
C ALA A 381 10.82 40.11 -3.86
N VAL A 382 11.46 40.65 -2.83
CA VAL A 382 12.39 39.86 -2.01
C VAL A 382 11.68 39.01 -0.99
N THR A 383 10.40 39.28 -0.71
CA THR A 383 9.65 38.42 0.22
C THR A 383 9.89 36.95 -0.11
N VAL A 384 9.52 36.54 -1.32
CA VAL A 384 9.71 35.14 -1.71
C VAL A 384 11.15 34.73 -1.54
N GLU A 385 12.08 35.67 -1.66
CA GLU A 385 13.47 35.47 -1.28
C GLU A 385 14.10 34.32 -2.07
N LEU A 401 -3.30 45.63 -6.44
CA LEU A 401 -3.26 47.01 -6.89
C LEU A 401 -3.69 47.95 -5.76
N MET A 402 -4.61 47.49 -4.92
CA MET A 402 -5.10 48.32 -3.83
C MET A 402 -4.11 48.41 -2.68
N ALA A 403 -3.25 47.40 -2.50
CA ALA A 403 -2.25 47.46 -1.44
C ALA A 403 -1.26 48.60 -1.71
N THR A 404 -0.74 48.67 -2.93
CA THR A 404 0.11 49.80 -3.28
C THR A 404 -0.64 51.12 -3.20
N LEU A 405 -1.95 51.11 -3.46
CA LEU A 405 -2.73 52.34 -3.30
C LEU A 405 -2.76 52.77 -1.83
N TYR A 406 -2.91 51.81 -0.92
CA TYR A 406 -2.83 52.15 0.51
C TYR A 406 -1.46 52.69 0.86
N VAL A 407 -0.41 52.07 0.34
CA VAL A 407 0.94 52.60 0.56
C VAL A 407 1.02 54.04 0.04
N PHE A 408 0.37 54.30 -1.09
CA PHE A 408 0.41 55.63 -1.68
C PHE A 408 -0.26 56.65 -0.79
N THR A 409 -1.48 56.35 -0.32
CA THR A 409 -2.16 57.27 0.56
C THR A 409 -1.47 57.40 1.90
N LEU A 410 -0.63 56.42 2.27
CA LEU A 410 0.17 56.54 3.47
C LEU A 410 1.37 57.46 3.26
N THR A 411 1.99 57.41 2.08
CA THR A 411 3.25 58.08 1.83
C THR A 411 3.08 59.49 1.27
N ILE A 412 2.37 59.63 0.15
CA ILE A 412 2.33 60.92 -0.54
C ILE A 412 1.89 62.06 0.36
N PRO A 413 0.77 61.97 1.09
CA PRO A 413 0.34 63.14 1.87
C PRO A 413 1.35 63.56 2.92
N SER A 414 1.98 62.60 3.60
CA SER A 414 2.98 62.95 4.60
C SER A 414 4.18 63.63 3.96
N ALA A 415 4.62 63.15 2.80
CA ALA A 415 5.72 63.80 2.10
C ALA A 415 5.36 65.23 1.74
N ALA A 416 4.16 65.44 1.20
CA ALA A 416 3.75 66.79 0.84
C ALA A 416 3.70 67.69 2.06
N ALA A 417 3.13 67.20 3.16
CA ALA A 417 3.02 68.02 4.36
C ALA A 417 4.39 68.39 4.91
N VAL A 418 5.27 67.41 5.05
CA VAL A 418 6.59 67.68 5.59
C VAL A 418 7.35 68.64 4.69
N TYR A 419 7.26 68.46 3.37
CA TYR A 419 7.92 69.39 2.46
C TYR A 419 7.37 70.79 2.64
N TRP A 420 6.06 70.92 2.83
CA TRP A 420 5.48 72.23 3.10
C TRP A 420 5.79 72.70 4.52
N ALA A 421 6.07 71.77 5.43
CA ALA A 421 6.27 72.13 6.83
C ALA A 421 7.52 72.99 7.01
N PHE A 422 8.65 72.55 6.45
CA PHE A 422 9.91 73.28 6.57
C PHE A 422 10.65 73.48 5.26
N GLY A 423 10.37 72.68 4.24
CA GLY A 423 10.97 72.93 2.94
C GLY A 423 12.47 72.69 2.94
N ASP A 424 13.23 73.68 2.47
CA ASP A 424 14.64 73.51 2.15
C ASP A 424 15.50 73.25 3.39
N ALA A 425 14.97 73.43 4.59
CA ALA A 425 15.75 73.18 5.80
C ALA A 425 16.01 71.70 6.04
N LEU A 426 15.39 70.82 5.27
CA LEU A 426 15.53 69.38 5.49
C LEU A 426 16.82 68.81 4.90
N LEU A 427 17.36 69.43 3.85
CA LEU A 427 18.52 68.85 3.18
C LEU A 427 19.70 68.63 4.12
N ASP A 428 19.78 69.39 5.21
CA ASP A 428 20.80 69.17 6.22
C ASP A 428 20.35 68.18 7.29
N HIS A 429 19.10 67.74 7.25
CA HIS A 429 18.57 66.77 8.22
C HIS A 429 17.93 65.63 7.43
N SER A 430 18.63 64.51 7.32
CA SER A 430 18.13 63.40 6.53
C SER A 430 16.82 62.85 7.08
N ASN A 431 16.72 62.74 8.40
CA ASN A 431 15.51 62.24 9.02
C ASN A 431 14.39 63.27 9.03
N ALA A 432 13.27 62.93 9.64
CA ALA A 432 12.13 63.85 9.69
C ALA A 432 11.96 64.51 11.04
N PHE A 433 11.98 63.72 12.12
CA PHE A 433 11.79 64.26 13.46
C PHE A 433 12.78 65.37 13.77
N SER A 434 13.79 65.54 12.93
CA SER A 434 14.83 66.53 13.20
C SER A 434 14.23 67.89 13.51
N LEU A 435 13.22 68.29 12.72
CA LEU A 435 12.62 69.60 12.91
C LEU A 435 11.29 69.53 13.67
N MET A 436 10.98 68.35 14.22
CA MET A 436 9.73 68.19 14.97
C MET A 436 9.86 68.73 16.38
N PRO A 437 8.92 69.60 16.79
CA PRO A 437 8.98 70.20 18.12
C PRO A 437 8.76 69.16 19.22
N LYS A 438 9.21 69.45 20.43
CA LYS A 438 9.08 68.47 21.50
C LYS A 438 7.64 68.49 22.02
N ASN A 439 6.81 67.61 21.50
CA ASN A 439 5.44 67.45 21.93
C ASN A 439 5.12 65.97 22.09
N ALA A 440 4.14 65.68 22.94
CA ALA A 440 3.86 64.30 23.32
C ALA A 440 3.65 63.42 22.10
N TRP A 441 3.05 63.95 21.04
CA TRP A 441 2.80 63.13 19.85
C TRP A 441 4.10 62.63 19.25
N ARG A 442 5.14 63.47 19.25
CA ARG A 442 6.46 63.01 18.80
C ARG A 442 6.99 61.90 19.70
N ASP A 443 6.80 62.04 21.02
CA ASP A 443 7.24 61.02 21.96
C ASP A 443 6.46 59.73 21.79
N ALA A 444 5.33 59.76 21.09
CA ALA A 444 4.62 58.54 20.75
C ALA A 444 5.09 57.97 19.42
N ALA A 445 5.33 58.84 18.44
CA ALA A 445 5.82 58.37 17.14
C ALA A 445 7.17 57.68 17.30
N VAL A 446 8.04 58.22 18.15
CA VAL A 446 9.38 57.64 18.31
C VAL A 446 9.29 56.24 18.89
N ILE A 447 8.49 56.05 19.95
CA ILE A 447 8.39 54.71 20.53
C ILE A 447 7.68 53.77 19.57
N LEU A 448 6.73 54.28 18.80
CA LEU A 448 6.09 53.45 17.77
C LEU A 448 7.12 52.94 16.78
N MET A 449 7.99 53.82 16.29
CA MET A 449 9.05 53.39 15.39
C MET A 449 10.00 52.41 16.07
N LEU A 450 10.31 52.65 17.34
CA LEU A 450 11.21 51.75 18.06
C LEU A 450 10.66 50.34 18.09
N ILE A 451 9.40 50.19 18.52
CA ILE A 451 8.85 48.85 18.63
C ILE A 451 8.60 48.25 17.24
N HIS A 452 8.31 49.10 16.25
CA HIS A 452 8.21 48.58 14.88
C HIS A 452 9.55 48.03 14.42
N GLN A 453 10.64 48.73 14.75
CA GLN A 453 11.96 48.24 14.39
C GLN A 453 12.24 46.92 15.09
N PHE A 454 11.84 46.80 16.36
CA PHE A 454 12.00 45.53 17.05
C PHE A 454 11.27 44.42 16.31
N ILE A 455 10.01 44.65 15.95
CA ILE A 455 9.21 43.64 15.27
C ILE A 455 9.85 43.28 13.93
N THR A 456 10.25 44.30 13.18
CA THR A 456 10.82 44.07 11.86
C THR A 456 12.12 43.29 11.94
N PHE A 457 13.00 43.62 12.88
CA PHE A 457 14.23 42.86 13.03
C PHE A 457 13.94 41.43 13.45
N GLY A 458 12.97 41.25 14.37
CA GLY A 458 12.61 39.90 14.78
C GLY A 458 12.07 39.06 13.64
N PHE A 459 11.35 39.67 12.70
CA PHE A 459 10.82 38.92 11.57
C PHE A 459 11.86 38.72 10.48
N ALA A 460 12.78 39.66 10.30
CA ALA A 460 13.73 39.63 9.19
C ALA A 460 15.08 39.03 9.57
N CYS A 461 15.29 38.67 10.83
CA CYS A 461 16.51 37.98 11.19
C CYS A 461 16.45 36.47 10.93
N THR A 462 15.30 35.97 10.51
CA THR A 462 15.13 34.54 10.25
C THR A 462 15.78 34.15 8.93
N PRO A 463 15.50 34.85 7.83
CA PRO A 463 15.93 34.32 6.52
C PRO A 463 17.44 34.37 6.33
N LEU A 464 18.08 35.47 6.71
CA LEU A 464 19.53 35.57 6.51
C LEU A 464 20.26 34.52 7.34
N TYR A 465 19.85 34.33 8.59
CA TYR A 465 20.46 33.30 9.42
C TYR A 465 20.21 31.92 8.84
N PHE A 466 18.99 31.67 8.37
CA PHE A 466 18.67 30.35 7.82
C PHE A 466 19.51 30.05 6.59
N VAL A 467 19.67 31.04 5.70
CA VAL A 467 20.46 30.80 4.50
C VAL A 467 21.93 30.65 4.84
N TRP A 468 22.42 31.46 5.80
CA TRP A 468 23.82 31.33 6.20
C TRP A 468 24.09 29.94 6.76
N GLU A 469 23.15 29.41 7.56
CA GLU A 469 23.25 28.03 7.99
C GLU A 469 23.26 27.10 6.77
N LYS A 470 22.39 27.37 5.80
CA LYS A 470 22.39 26.60 4.57
C LYS A 470 23.66 26.84 3.76
N VAL A 471 24.31 27.99 3.93
CA VAL A 471 25.50 28.30 3.16
C VAL A 471 26.64 27.34 3.51
N ILE A 472 26.89 27.17 4.81
CA ILE A 472 27.99 26.32 5.25
C ILE A 472 27.52 24.95 5.74
N GLY A 473 26.25 24.80 6.06
CA GLY A 473 25.72 23.51 6.50
C GLY A 473 24.91 23.61 7.77
N ARG A 483 24.54 24.16 18.56
CA ARG A 483 23.43 25.08 18.35
C ARG A 483 23.89 26.29 17.55
N ALA A 484 24.75 27.10 18.16
CA ALA A 484 25.24 28.34 17.57
C ALA A 484 26.75 28.49 17.70
N LEU A 485 27.49 27.36 17.68
CA LEU A 485 28.94 27.45 17.70
C LEU A 485 29.50 27.98 16.39
N ALA A 486 28.65 28.32 15.42
CA ALA A 486 29.07 28.90 14.16
C ALA A 486 28.49 30.28 13.91
N ARG A 487 27.18 30.46 14.11
CA ARG A 487 26.50 31.70 13.74
C ARG A 487 26.64 32.79 14.81
N LEU A 488 27.27 32.49 15.94
CA LEU A 488 27.30 33.46 17.04
C LEU A 488 27.85 34.82 16.63
N PRO A 489 29.02 34.92 15.98
CA PRO A 489 29.57 36.24 15.69
C PRO A 489 29.07 36.84 14.38
N VAL A 490 27.98 36.30 13.85
CA VAL A 490 27.46 36.77 12.57
C VAL A 490 27.07 38.24 12.65
N VAL A 491 26.83 38.76 13.86
CA VAL A 491 26.42 40.15 14.03
C VAL A 491 27.59 41.11 14.01
N ILE A 492 28.82 40.63 14.18
CA ILE A 492 30.00 41.48 14.21
C ILE A 492 30.15 42.24 12.88
N PRO A 493 30.02 41.59 11.73
CA PRO A 493 30.16 42.35 10.47
C PRO A 493 29.13 43.47 10.31
N ILE A 494 27.87 43.23 10.66
CA ILE A 494 26.89 44.30 10.56
C ILE A 494 27.18 45.38 11.60
N TRP A 495 27.67 45.00 12.78
CA TRP A 495 28.11 45.98 13.76
C TRP A 495 29.14 46.92 13.15
N PHE A 496 30.20 46.35 12.58
CA PHE A 496 31.32 47.11 12.07
C PHE A 496 31.01 47.77 10.73
N LEU A 497 29.91 47.41 10.09
CA LEU A 497 29.44 48.13 8.92
C LEU A 497 28.55 49.31 9.29
N ALA A 498 27.66 49.13 10.27
CA ALA A 498 26.83 50.21 10.74
C ALA A 498 27.65 51.32 11.39
N ILE A 499 28.64 50.95 12.21
CA ILE A 499 29.42 51.98 12.90
C ILE A 499 30.09 52.89 11.89
N ILE A 500 30.60 52.32 10.79
CA ILE A 500 31.27 53.13 9.78
C ILE A 500 30.29 54.07 9.10
N PHE A 501 29.01 53.71 9.06
CA PHE A 501 27.99 54.47 8.35
C PHE A 501 26.87 54.84 9.32
N PRO A 502 27.05 55.86 10.16
CA PRO A 502 25.97 56.29 11.05
C PRO A 502 24.89 57.10 10.37
N PHE A 503 24.88 57.15 9.03
CA PHE A 503 23.95 57.97 8.28
C PHE A 503 22.61 57.25 8.14
N PHE A 504 21.63 57.99 7.63
CA PHE A 504 20.33 57.43 7.32
C PHE A 504 19.87 57.71 5.89
N GLY A 505 20.22 58.85 5.32
CA GLY A 505 19.83 59.17 3.96
C GLY A 505 20.77 58.57 2.93
N PRO A 506 22.05 58.94 3.01
CA PRO A 506 23.00 58.48 1.98
C PRO A 506 23.06 56.97 1.83
N ILE A 507 23.34 56.23 2.91
CA ILE A 507 23.49 54.78 2.80
C ILE A 507 22.24 54.18 2.17
N ASN A 508 21.07 54.69 2.54
CA ASN A 508 19.83 54.22 1.94
C ASN A 508 19.86 54.40 0.43
N SER A 509 20.34 55.56 -0.03
CA SER A 509 20.39 55.81 -1.47
C SER A 509 21.30 54.82 -2.18
N ALA A 510 22.49 54.57 -1.62
CA ALA A 510 23.40 53.63 -2.25
C ALA A 510 22.81 52.23 -2.30
N VAL A 511 22.20 51.79 -1.19
CA VAL A 511 21.56 50.48 -1.18
C VAL A 511 20.50 50.40 -2.27
N GLY A 512 19.61 51.40 -2.32
CA GLY A 512 18.54 51.38 -3.29
C GLY A 512 19.06 51.36 -4.72
N ALA A 513 20.10 52.13 -4.99
CA ALA A 513 20.60 52.22 -6.35
C ALA A 513 21.33 50.96 -6.78
N LEU A 514 22.04 50.30 -5.85
CA LEU A 514 22.91 49.19 -6.22
C LEU A 514 22.25 47.83 -6.07
N LEU A 515 21.66 47.51 -4.92
CA LEU A 515 21.21 46.16 -4.64
C LEU A 515 19.76 45.93 -5.05
N VAL A 516 18.83 46.69 -4.49
CA VAL A 516 17.42 46.44 -4.77
C VAL A 516 17.11 46.77 -6.22
N SER A 517 17.66 47.86 -6.74
CA SER A 517 17.36 48.25 -8.12
C SER A 517 17.63 47.12 -9.08
N PHE A 518 18.60 46.26 -8.77
CA PHE A 518 18.80 45.05 -9.55
C PHE A 518 17.83 43.95 -9.11
N THR A 519 17.92 43.54 -7.84
CA THR A 519 17.29 42.30 -7.41
C THR A 519 15.78 42.33 -7.61
N VAL A 520 15.15 43.45 -7.31
CA VAL A 520 13.69 43.49 -7.30
C VAL A 520 13.11 43.83 -8.66
N TYR A 521 13.91 44.42 -9.56
CA TYR A 521 13.40 44.96 -10.81
C TYR A 521 13.94 44.28 -12.05
N ILE A 522 15.25 44.15 -12.20
CA ILE A 522 15.79 43.60 -13.45
C ILE A 522 15.80 42.09 -13.42
N ILE A 523 16.23 41.48 -12.31
CA ILE A 523 16.34 40.03 -12.25
C ILE A 523 14.99 39.36 -12.50
N PRO A 524 13.91 39.74 -11.81
CA PRO A 524 12.63 39.04 -12.02
C PRO A 524 12.12 39.16 -13.45
N SER A 525 12.00 40.38 -13.95
CA SER A 525 11.44 40.57 -15.28
C SER A 525 12.34 39.95 -16.35
N LEU A 526 13.66 40.13 -16.23
CA LEU A 526 14.57 39.53 -17.21
C LEU A 526 14.45 38.01 -17.20
N ALA A 527 14.42 37.41 -16.01
CA ALA A 527 14.30 35.96 -15.92
C ALA A 527 12.97 35.50 -16.50
N HIS A 528 11.89 36.22 -16.22
CA HIS A 528 10.59 35.83 -16.75
C HIS A 528 10.57 35.89 -18.27
N MET A 529 11.16 36.95 -18.85
CA MET A 529 11.24 37.03 -20.30
C MET A 529 12.08 35.90 -20.87
N LEU A 530 13.21 35.58 -20.21
CA LEU A 530 14.08 34.53 -20.71
C LEU A 530 13.40 33.16 -20.65
N THR A 531 12.61 32.91 -19.60
CA THR A 531 11.95 31.61 -19.48
C THR A 531 11.00 31.37 -20.64
N TYR A 532 10.21 32.38 -21.00
CA TYR A 532 9.15 32.22 -21.99
C TYR A 532 9.63 32.55 -23.41
N ARG A 533 10.94 32.46 -23.65
CA ARG A 533 11.44 32.68 -25.01
C ARG A 533 10.88 31.63 -25.96
N SER A 534 10.83 30.38 -25.54
CA SER A 534 10.38 29.30 -26.40
C SER A 534 8.88 29.41 -26.68
N ALA A 535 8.49 29.04 -27.90
CA ALA A 535 7.09 29.05 -28.27
C ALA A 535 6.28 28.07 -27.44
N SER A 536 6.84 26.90 -27.15
CA SER A 536 6.10 25.88 -26.41
C SER A 536 5.67 26.38 -25.04
N ALA A 537 6.57 27.07 -24.34
CA ALA A 537 6.25 27.57 -23.01
C ALA A 537 5.13 28.61 -23.03
N ARG A 538 4.86 29.21 -24.19
CA ARG A 538 3.87 30.27 -24.32
C ARG A 538 2.44 29.76 -24.43
N GLN A 539 2.18 28.50 -24.06
CA GLN A 539 0.85 27.92 -24.19
C GLN A 539 0.35 27.33 -22.88
N ASN A 540 1.02 27.57 -21.77
CA ASN A 540 0.65 26.99 -20.48
C ASN A 540 0.76 28.03 -19.36
N ALA A 541 0.26 29.23 -19.61
CA ALA A 541 0.35 30.33 -18.65
C ALA A 541 -1.00 31.03 -18.53
N ALA A 542 -1.19 31.69 -17.39
CA ALA A 542 -2.41 32.43 -17.15
C ALA A 542 -2.53 33.60 -18.12
N GLU A 543 -3.75 33.85 -18.60
CA GLU A 543 -3.98 34.91 -19.57
C GLU A 543 -3.91 36.27 -18.86
N LYS A 544 -4.12 37.33 -19.65
CA LYS A 544 -4.21 38.67 -19.07
C LYS A 544 -5.45 38.75 -18.17
N PRO A 545 -5.31 39.08 -16.89
CA PRO A 545 -6.45 38.94 -15.96
C PRO A 545 -7.66 39.77 -16.40
N PRO A 546 -7.51 41.10 -16.56
CA PRO A 546 -8.70 41.94 -16.69
C PRO A 546 -9.20 42.10 -18.11
N PHE A 547 -10.25 42.92 -18.27
CA PHE A 547 -10.87 43.23 -19.55
C PHE A 547 -10.23 44.45 -20.21
N PHE A 548 -9.19 45.02 -19.63
CA PHE A 548 -8.65 46.29 -20.12
C PHE A 548 -7.99 46.13 -21.49
N MET A 549 -7.13 45.13 -21.66
CA MET A 549 -6.32 44.99 -22.87
C MET A 549 -6.74 43.75 -23.65
N PRO A 550 -7.16 43.88 -24.92
CA PRO A 550 -7.47 42.69 -25.74
C PRO A 550 -6.25 42.17 -26.50
N SER A 551 -5.26 41.68 -25.75
CA SER A 551 -4.01 41.26 -26.36
C SER A 551 -3.34 40.20 -25.51
N TRP A 552 -2.37 39.52 -26.12
CA TRP A 552 -1.52 38.53 -25.46
C TRP A 552 -0.03 38.84 -25.60
N THR A 553 0.39 39.41 -26.73
CA THR A 553 1.78 39.88 -26.88
C THR A 553 1.91 41.31 -26.37
N ALA A 554 1.44 41.54 -25.14
CA ALA A 554 1.61 42.81 -24.46
C ALA A 554 2.51 42.70 -23.25
N MET A 555 2.51 41.55 -22.57
CA MET A 555 3.45 41.33 -21.48
C MET A 555 4.89 41.53 -21.94
N TYR A 556 5.15 41.28 -23.22
CA TYR A 556 6.45 41.64 -23.78
C TYR A 556 6.57 43.16 -23.92
N VAL A 557 5.47 43.85 -24.22
CA VAL A 557 5.55 45.28 -24.54
C VAL A 557 6.15 46.06 -23.37
N LEU A 558 5.64 45.84 -22.17
CA LEU A 558 6.09 46.59 -21.00
C LEU A 558 7.32 45.97 -20.34
N ASN A 559 7.46 44.66 -20.42
CA ASN A 559 8.62 44.01 -19.81
C ASN A 559 9.89 44.22 -20.63
N ALA A 560 9.75 44.52 -21.92
CA ALA A 560 10.90 44.90 -22.73
C ALA A 560 11.39 46.31 -22.43
N PHE A 561 10.53 47.17 -21.89
CA PHE A 561 10.85 48.57 -21.64
C PHE A 561 11.28 48.82 -20.21
N VAL A 562 10.65 48.17 -19.23
CA VAL A 562 11.05 48.37 -17.84
C VAL A 562 12.49 47.91 -17.64
N VAL A 563 12.87 46.82 -18.30
CA VAL A 563 14.20 46.24 -18.09
C VAL A 563 15.28 47.28 -18.40
N VAL A 564 15.08 48.06 -19.47
CA VAL A 564 16.07 49.07 -19.83
C VAL A 564 15.85 50.37 -19.05
N TRP A 565 14.58 50.75 -18.79
CA TRP A 565 14.33 52.01 -18.10
C TRP A 565 14.88 51.99 -16.69
N VAL A 566 14.56 50.95 -15.92
CA VAL A 566 15.04 50.89 -14.54
C VAL A 566 16.56 50.87 -14.53
N LEU A 567 17.18 50.08 -15.39
CA LEU A 567 18.63 50.04 -15.46
C LEU A 567 19.19 51.44 -15.70
N ILE A 568 18.84 52.04 -16.84
CA ILE A 568 19.44 53.31 -17.22
C ILE A 568 19.12 54.41 -16.21
N VAL A 569 17.98 54.34 -15.53
CA VAL A 569 17.60 55.39 -14.60
C VAL A 569 18.37 55.21 -13.29
N GLY A 570 18.17 54.07 -12.63
CA GLY A 570 18.85 53.84 -11.37
C GLY A 570 20.34 53.64 -11.56
N PHE A 571 20.75 52.49 -12.12
CA PHE A 571 22.18 52.20 -12.14
C PHE A 571 22.91 53.08 -13.14
N GLY A 572 22.21 53.65 -14.12
CA GLY A 572 22.87 54.49 -15.11
C GLY A 572 23.41 55.77 -14.51
N PHE A 573 22.58 56.49 -13.78
CA PHE A 573 22.98 57.79 -13.22
C PHE A 573 22.73 57.91 -11.72
N GLY A 574 21.63 57.36 -11.22
CA GLY A 574 21.32 57.52 -9.82
C GLY A 574 22.30 56.81 -8.92
N GLY A 575 22.83 55.67 -9.36
CA GLY A 575 23.86 55.00 -8.58
C GLY A 575 25.14 55.82 -8.49
N TRP A 576 25.58 56.36 -9.62
CA TRP A 576 26.74 57.25 -9.60
C TRP A 576 26.49 58.43 -8.67
N ALA A 577 25.32 59.04 -8.77
CA ALA A 577 25.01 60.19 -7.93
C ALA A 577 24.99 59.80 -6.45
N SER A 578 24.41 58.64 -6.14
CA SER A 578 24.33 58.21 -4.75
C SER A 578 25.70 57.92 -4.18
N VAL A 579 26.58 57.28 -4.95
CA VAL A 579 27.93 57.03 -4.45
C VAL A 579 28.69 58.34 -4.31
N THR A 580 28.46 59.30 -5.21
CA THR A 580 29.08 60.61 -5.07
C THR A 580 28.63 61.29 -3.78
N ASN A 581 27.33 61.23 -3.49
CA ASN A 581 26.83 61.82 -2.25
C ASN A 581 27.38 61.09 -1.04
N PHE A 582 27.50 59.76 -1.12
CA PHE A 582 28.05 58.98 -0.02
C PHE A 582 29.49 59.38 0.27
N VAL A 583 30.31 59.51 -0.78
CA VAL A 583 31.69 59.92 -0.56
C VAL A 583 31.75 61.35 -0.05
N ARG A 584 30.85 62.22 -0.52
CA ARG A 584 30.82 63.58 -0.01
C ARG A 584 30.51 63.59 1.48
N GLN A 585 29.55 62.77 1.92
CA GLN A 585 29.21 62.70 3.33
C GLN A 585 30.36 62.13 4.15
N VAL A 586 30.90 60.99 3.73
CA VAL A 586 31.95 60.34 4.51
C VAL A 586 33.20 61.21 4.58
N ASP A 587 33.49 61.99 3.54
CA ASP A 587 34.62 62.89 3.59
C ASP A 587 34.39 64.05 4.57
N THR A 588 33.14 64.47 4.74
CA THR A 588 32.86 65.58 5.65
C THR A 588 33.08 65.17 7.10
N PHE A 589 32.54 64.03 7.50
CA PHE A 589 32.66 63.54 8.87
C PHE A 589 33.76 62.50 9.05
N GLY A 590 34.34 62.01 7.96
CA GLY A 590 35.45 61.10 8.03
C GLY A 590 35.01 59.66 8.28
N LEU A 591 35.94 58.74 8.03
CA LEU A 591 35.70 57.34 8.30
C LEU A 591 35.52 57.10 9.79
N PHE A 592 34.73 56.08 10.13
CA PHE A 592 34.40 55.79 11.52
C PHE A 592 33.80 57.02 12.20
N ALA A 593 32.93 57.71 11.46
CA ALA A 593 32.37 58.96 11.95
C ALA A 593 31.71 58.76 13.31
N LYS A 594 31.99 59.66 14.24
CA LYS A 594 31.52 59.51 15.61
C LYS A 594 30.01 59.71 15.69
N CYS A 595 29.54 60.90 15.35
CA CYS A 595 28.12 61.23 15.35
C CYS A 595 27.69 61.63 13.94
N TYR A 596 26.44 62.08 13.83
CA TYR A 596 25.90 62.50 12.55
C TYR A 596 24.85 63.57 12.80
N GLN A 597 25.17 64.82 12.47
CA GLN A 597 24.26 65.95 12.68
C GLN A 597 23.85 66.06 14.15
N CYS A 598 24.81 65.87 15.04
CA CYS A 598 24.57 66.01 16.47
C CYS A 598 24.03 67.41 16.78
N GLU B 23 15.32 -24.53 20.76
CA GLU B 23 14.03 -24.94 20.22
C GLU B 23 12.90 -24.68 21.21
N VAL B 24 11.74 -24.27 20.70
CA VAL B 24 10.57 -23.98 21.52
C VAL B 24 9.37 -24.63 20.84
N GLN B 25 8.48 -25.22 21.66
CA GLN B 25 7.38 -26.01 21.16
C GLN B 25 6.12 -25.70 21.96
N LEU B 26 4.99 -26.12 21.41
CA LEU B 26 3.71 -26.02 22.07
C LEU B 26 3.14 -27.43 22.27
N VAL B 27 1.98 -27.51 22.90
CA VAL B 27 1.32 -28.80 23.11
C VAL B 27 -0.12 -28.52 23.51
N GLU B 28 -1.03 -29.38 23.04
CA GLU B 28 -2.46 -29.28 23.35
C GLU B 28 -2.99 -30.65 23.74
N SER B 29 -3.72 -30.70 24.84
CA SER B 29 -4.26 -31.95 25.38
C SER B 29 -5.73 -31.77 25.69
N GLY B 30 -6.33 -32.82 26.25
CA GLY B 30 -7.72 -32.77 26.67
C GLY B 30 -8.74 -33.01 25.59
N GLY B 31 -8.32 -33.38 24.39
CA GLY B 31 -9.27 -33.64 23.31
C GLY B 31 -9.86 -35.03 23.42
N GLY B 32 -11.17 -35.11 23.21
CA GLY B 32 -11.87 -36.38 23.28
C GLY B 32 -13.32 -36.23 22.88
N LEU B 33 -13.94 -37.37 22.58
CA LEU B 33 -15.32 -37.37 22.14
C LEU B 33 -16.25 -36.92 23.25
N VAL B 34 -17.37 -36.31 22.85
CA VAL B 34 -18.37 -35.84 23.80
C VAL B 34 -19.71 -35.82 23.10
N GLN B 35 -20.76 -36.20 23.84
CA GLN B 35 -22.09 -36.18 23.28
C GLN B 35 -22.46 -34.74 22.89
N PRO B 36 -23.27 -34.57 21.85
CA PRO B 36 -23.65 -33.21 21.42
C PRO B 36 -24.28 -32.44 22.57
N GLY B 37 -23.59 -31.38 23.00
CA GLY B 37 -24.03 -30.55 24.10
C GLY B 37 -23.18 -30.61 25.35
N GLY B 38 -22.03 -31.28 25.30
CA GLY B 38 -21.18 -31.39 26.47
C GLY B 38 -20.20 -30.23 26.60
N SER B 39 -18.96 -30.55 26.97
CA SER B 39 -17.93 -29.53 27.18
C SER B 39 -16.57 -30.21 27.15
N LEU B 40 -15.53 -29.39 27.15
CA LEU B 40 -14.17 -29.89 27.20
C LEU B 40 -13.23 -28.74 27.56
N ARG B 41 -12.00 -29.09 27.95
CA ARG B 41 -10.98 -28.14 28.33
C ARG B 41 -9.76 -28.34 27.45
N LEU B 42 -9.37 -27.30 26.72
CA LEU B 42 -8.19 -27.33 25.87
C LEU B 42 -7.18 -26.32 26.39
N SER B 43 -5.94 -26.76 26.58
CA SER B 43 -4.89 -25.93 27.13
C SER B 43 -3.66 -25.98 26.24
N CYS B 44 -3.02 -24.84 26.03
CA CYS B 44 -1.81 -24.73 25.22
C CYS B 44 -0.65 -24.41 26.16
N ALA B 45 -0.02 -25.45 26.68
CA ALA B 45 1.17 -25.27 27.50
C ALA B 45 2.34 -24.87 26.61
N ALA B 46 3.04 -23.81 26.99
CA ALA B 46 4.12 -23.24 26.19
C ALA B 46 5.37 -23.11 27.04
N SER B 47 6.19 -24.16 27.07
CA SER B 47 7.45 -24.07 27.81
C SER B 47 8.45 -23.25 27.00
N GLY B 48 9.69 -23.22 27.46
CA GLY B 48 10.71 -22.45 26.75
C GLY B 48 10.27 -21.01 26.61
N PHE B 49 9.96 -20.60 25.38
CA PHE B 49 9.50 -19.24 25.15
C PHE B 49 8.27 -18.94 26.00
N ASN B 50 8.11 -17.69 26.41
CA ASN B 50 6.99 -17.34 27.27
C ASN B 50 5.78 -16.83 26.51
N VAL B 51 4.58 -17.12 27.01
CA VAL B 51 3.35 -16.65 26.39
C VAL B 51 2.71 -15.53 27.19
N VAL B 52 3.40 -14.99 28.19
CA VAL B 52 2.84 -13.91 29.00
C VAL B 52 2.65 -12.63 28.22
N ASP B 53 3.25 -12.52 27.02
CA ASP B 53 3.10 -11.33 26.20
C ASP B 53 2.90 -11.70 24.73
N PHE B 54 2.28 -12.85 24.47
CA PHE B 54 2.03 -13.30 23.11
C PHE B 54 0.54 -13.60 22.95
N SER B 55 0.07 -13.53 21.72
CA SER B 55 -1.33 -13.70 21.40
C SER B 55 -1.54 -15.11 20.85
N LEU B 56 -2.11 -15.99 21.67
CA LEU B 56 -2.47 -17.32 21.21
C LEU B 56 -3.71 -17.26 20.34
N HIS B 57 -3.85 -18.27 19.48
CA HIS B 57 -5.02 -18.39 18.61
C HIS B 57 -5.48 -19.83 18.61
N TRP B 58 -6.47 -20.12 17.77
CA TRP B 58 -6.97 -21.49 17.64
C TRP B 58 -7.56 -21.63 16.25
N VAL B 59 -6.86 -22.33 15.36
CA VAL B 59 -7.28 -22.53 13.99
C VAL B 59 -7.79 -23.96 13.87
N ARG B 60 -9.10 -24.11 13.63
CA ARG B 60 -9.67 -25.44 13.49
C ARG B 60 -9.43 -25.98 12.08
N GLN B 61 -9.69 -27.27 11.92
CA GLN B 61 -9.61 -27.90 10.60
C GLN B 61 -10.58 -29.08 10.59
N ALA B 62 -11.75 -28.87 10.00
CA ALA B 62 -12.68 -29.97 9.85
C ALA B 62 -12.08 -31.04 8.94
N PRO B 63 -12.38 -32.32 9.18
CA PRO B 63 -11.70 -33.37 8.44
C PRO B 63 -11.92 -33.24 6.95
N GLY B 64 -10.83 -33.09 6.20
CA GLY B 64 -10.89 -32.98 4.76
C GLY B 64 -11.28 -31.62 4.23
N LYS B 65 -11.49 -30.63 5.10
CA LYS B 65 -11.89 -29.29 4.71
C LYS B 65 -10.72 -28.32 4.94
N GLY B 66 -10.96 -27.06 4.59
CA GLY B 66 -9.97 -26.03 4.81
C GLY B 66 -9.94 -25.54 6.24
N LEU B 67 -8.95 -24.70 6.53
CA LEU B 67 -8.78 -24.16 7.86
C LEU B 67 -9.81 -23.06 8.13
N GLU B 68 -9.93 -22.70 9.41
CA GLU B 68 -10.83 -21.63 9.81
C GLU B 68 -10.39 -21.14 11.19
N TRP B 69 -10.36 -19.82 11.36
CA TRP B 69 -9.99 -19.24 12.64
C TRP B 69 -11.15 -19.34 13.62
N VAL B 70 -10.82 -19.47 14.90
CA VAL B 70 -11.84 -19.68 15.93
C VAL B 70 -11.82 -18.54 16.95
N ALA B 71 -10.71 -18.38 17.66
CA ALA B 71 -10.64 -17.40 18.73
C ALA B 71 -9.18 -17.06 19.00
N TYR B 72 -8.98 -15.93 19.67
CA TYR B 72 -7.64 -15.49 20.03
C TYR B 72 -7.68 -14.80 21.38
N ILE B 73 -6.53 -14.80 22.05
CA ILE B 73 -6.39 -14.22 23.38
C ILE B 73 -5.10 -13.41 23.41
N SER B 74 -5.19 -12.16 23.86
CA SER B 74 -4.02 -11.32 24.08
C SER B 74 -3.90 -11.13 25.60
N SER B 75 -3.18 -12.06 26.23
CA SER B 75 -3.13 -12.10 27.68
C SER B 75 -2.56 -10.81 28.28
N SER B 76 -1.69 -10.11 27.54
CA SER B 76 -1.08 -8.91 28.10
C SER B 76 -2.13 -7.87 28.48
N SER B 77 -3.10 -7.63 27.60
CA SER B 77 -4.20 -6.72 27.86
C SER B 77 -5.54 -7.40 28.00
N GLY B 78 -5.86 -8.33 27.12
CA GLY B 78 -7.16 -8.98 27.11
C GLY B 78 -8.06 -8.42 26.04
N SER B 79 -8.19 -9.13 24.92
CA SER B 79 -9.02 -8.72 23.81
C SER B 79 -9.66 -9.94 23.15
N THR B 80 -10.14 -10.87 23.96
CA THR B 80 -10.60 -12.16 23.46
C THR B 80 -11.83 -11.98 22.58
N SER B 81 -11.65 -12.13 21.27
CA SER B 81 -12.72 -12.04 20.29
C SER B 81 -12.85 -13.38 19.58
N TYR B 82 -14.07 -13.88 19.47
CA TYR B 82 -14.33 -15.17 18.85
C TYR B 82 -14.60 -14.97 17.35
N ALA B 83 -15.07 -16.03 16.70
CA ALA B 83 -15.49 -15.97 15.31
C ALA B 83 -17.02 -15.95 15.24
N ASP B 84 -17.54 -15.69 14.05
CA ASP B 84 -18.99 -15.55 13.88
C ASP B 84 -19.69 -16.85 14.23
N SER B 85 -19.24 -17.96 13.64
CA SER B 85 -19.92 -19.24 13.82
C SER B 85 -19.78 -19.78 15.23
N VAL B 86 -18.89 -19.23 16.05
CA VAL B 86 -18.66 -19.70 17.41
C VAL B 86 -18.96 -18.63 18.45
N LYS B 87 -19.34 -17.42 18.03
CA LYS B 87 -19.64 -16.37 18.98
C LYS B 87 -20.72 -16.81 19.96
N GLY B 88 -20.50 -16.53 21.24
CA GLY B 88 -21.48 -16.83 22.27
C GLY B 88 -21.45 -18.25 22.79
N ARG B 89 -20.55 -19.10 22.31
CA ARG B 89 -20.45 -20.47 22.76
C ARG B 89 -19.12 -20.77 23.45
N PHE B 90 -18.00 -20.49 22.79
CA PHE B 90 -16.70 -20.71 23.39
C PHE B 90 -16.42 -19.67 24.46
N THR B 91 -15.69 -20.10 25.49
CA THR B 91 -15.14 -19.20 26.49
C THR B 91 -13.64 -19.46 26.59
N ILE B 92 -12.84 -18.41 26.45
CA ILE B 92 -11.39 -18.53 26.39
C ILE B 92 -10.82 -17.68 27.53
N SER B 93 -10.53 -18.33 28.65
CA SER B 93 -9.98 -17.64 29.81
C SER B 93 -8.48 -17.42 29.60
N ALA B 94 -7.79 -16.99 30.65
CA ALA B 94 -6.36 -16.71 30.56
C ALA B 94 -5.68 -17.15 31.84
N ASP B 95 -4.40 -17.51 31.71
CA ASP B 95 -3.55 -17.83 32.84
C ASP B 95 -2.12 -17.43 32.51
N THR B 96 -1.36 -17.10 33.55
CA THR B 96 0.01 -16.62 33.36
C THR B 96 1.03 -17.40 34.18
N SER B 97 0.68 -17.84 35.39
CA SER B 97 1.64 -18.56 36.22
C SER B 97 2.06 -19.87 35.56
N LYS B 98 1.10 -20.58 34.97
CA LYS B 98 1.39 -21.80 34.24
C LYS B 98 1.80 -21.53 32.79
N ASN B 99 1.84 -20.28 32.38
CA ASN B 99 2.19 -19.91 31.01
C ASN B 99 1.31 -20.67 30.02
N THR B 100 0.02 -20.78 30.35
CA THR B 100 -0.93 -21.52 29.55
C THR B 100 -2.18 -20.68 29.35
N ALA B 101 -2.87 -20.90 28.24
CA ALA B 101 -4.12 -20.23 27.93
C ALA B 101 -5.19 -21.31 27.71
N TYR B 102 -6.13 -21.38 28.64
CA TYR B 102 -7.15 -22.42 28.60
C TYR B 102 -8.22 -22.09 27.56
N LEU B 103 -9.18 -22.98 27.41
CA LEU B 103 -10.29 -22.79 26.47
C LEU B 103 -11.41 -23.71 26.88
N GLN B 104 -12.59 -23.15 27.14
CA GLN B 104 -13.77 -23.92 27.49
C GLN B 104 -14.73 -23.96 26.32
N MET B 105 -15.36 -25.12 26.11
CA MET B 105 -16.28 -25.34 25.01
C MET B 105 -17.64 -25.70 25.56
N ASN B 106 -18.69 -25.16 24.96
CA ASN B 106 -20.05 -25.41 25.40
C ASN B 106 -20.98 -25.55 24.19
N SER B 107 -21.94 -26.46 24.32
CA SER B 107 -22.95 -26.69 23.28
C SER B 107 -22.28 -27.02 21.93
N LEU B 108 -21.58 -28.13 21.93
CA LEU B 108 -20.94 -28.61 20.71
C LEU B 108 -22.00 -29.01 19.69
N ARG B 109 -21.63 -28.93 18.41
CA ARG B 109 -22.49 -29.32 17.31
C ARG B 109 -21.76 -30.29 16.41
N ALA B 110 -22.54 -31.05 15.63
CA ALA B 110 -21.94 -32.06 14.77
C ALA B 110 -20.92 -31.47 13.81
N GLU B 111 -21.03 -30.18 13.48
CA GLU B 111 -20.06 -29.54 12.62
C GLU B 111 -18.73 -29.30 13.32
N ASP B 112 -18.73 -29.22 14.65
CA ASP B 112 -17.52 -28.90 15.39
C ASP B 112 -16.48 -30.01 15.33
N THR B 113 -16.86 -31.22 14.95
CA THR B 113 -15.89 -32.31 14.87
C THR B 113 -14.74 -31.92 13.95
N ALA B 114 -13.57 -31.70 14.52
CA ALA B 114 -12.43 -31.19 13.76
C ALA B 114 -11.17 -31.37 14.60
N VAL B 115 -10.07 -30.81 14.13
CA VAL B 115 -8.78 -30.84 14.82
C VAL B 115 -8.34 -29.40 15.03
N TYR B 116 -8.00 -29.05 16.26
CA TYR B 116 -7.63 -27.69 16.61
C TYR B 116 -6.11 -27.57 16.73
N TYR B 117 -5.59 -26.39 16.40
CA TYR B 117 -4.18 -26.09 16.51
C TYR B 117 -3.98 -24.84 17.35
N CYS B 118 -2.97 -24.88 18.23
CA CYS B 118 -2.56 -23.71 18.98
C CYS B 118 -1.48 -22.98 18.20
N ALA B 119 -1.62 -21.66 18.08
CA ALA B 119 -0.73 -20.85 17.26
C ALA B 119 -0.07 -19.76 18.06
N ARG B 120 0.85 -19.05 17.41
CA ARG B 120 1.66 -18.02 18.05
C ARG B 120 1.79 -16.82 17.13
N TRP B 121 1.74 -15.63 17.69
CA TRP B 121 1.85 -14.42 16.88
C TRP B 121 2.64 -13.34 17.60
N GLY B 122 3.71 -12.86 16.97
CA GLY B 122 4.47 -11.78 17.55
C GLY B 122 3.55 -10.58 17.62
N TYR B 123 3.68 -9.79 18.68
CA TYR B 123 2.82 -8.63 18.87
C TYR B 123 3.16 -7.49 17.94
N TRP B 124 2.17 -6.71 17.53
CA TRP B 124 2.48 -5.52 16.73
C TRP B 124 3.42 -4.59 17.50
N PRO B 125 4.15 -3.71 16.78
CA PRO B 125 4.65 -3.79 15.41
C PRO B 125 6.07 -4.33 15.30
N GLY B 126 6.47 -4.68 14.08
CA GLY B 126 7.81 -5.20 13.87
C GLY B 126 7.76 -6.59 13.28
N GLU B 127 8.92 -7.18 13.02
CA GLU B 127 8.93 -8.49 12.39
C GLU B 127 8.22 -9.50 13.26
N PRO B 128 8.49 -9.50 14.57
CA PRO B 128 7.73 -10.40 15.42
C PRO B 128 6.28 -10.49 14.95
N TRP B 129 5.64 -9.35 14.76
CA TRP B 129 4.23 -9.36 14.34
C TRP B 129 4.10 -9.64 12.85
N TRP B 130 5.07 -9.21 12.04
CA TRP B 130 4.93 -9.36 10.60
C TRP B 130 4.87 -10.82 10.17
N LYS B 131 5.30 -11.74 11.03
CA LYS B 131 5.23 -13.17 10.75
C LYS B 131 4.00 -13.76 11.44
N ALA B 132 3.20 -14.50 10.67
CA ALA B 132 1.94 -15.03 11.17
C ALA B 132 2.18 -16.28 11.99
N PHE B 133 1.11 -17.02 12.29
CA PHE B 133 1.23 -18.27 13.02
C PHE B 133 2.37 -19.11 12.44
N ASP B 134 3.44 -19.27 13.21
CA ASP B 134 4.60 -20.02 12.75
C ASP B 134 4.83 -21.30 13.54
N TYR B 135 4.89 -21.21 14.88
CA TYR B 135 5.16 -22.39 15.71
C TYR B 135 3.84 -23.04 16.07
N TRP B 136 3.26 -23.75 15.11
CA TRP B 136 2.02 -24.45 15.31
C TRP B 136 2.24 -25.68 16.19
N GLY B 137 1.28 -25.95 17.07
CA GLY B 137 1.36 -27.10 17.93
C GLY B 137 0.97 -28.38 17.23
N GLN B 138 1.08 -29.49 17.97
CA GLN B 138 0.71 -30.78 17.41
C GLN B 138 -0.78 -30.82 17.08
N GLY B 139 -1.60 -30.26 17.95
CA GLY B 139 -3.03 -30.23 17.72
C GLY B 139 -3.75 -31.35 18.45
N THR B 140 -5.06 -31.19 18.60
CA THR B 140 -5.93 -32.13 19.28
C THR B 140 -6.94 -32.70 18.31
N LEU B 141 -7.85 -33.53 18.83
CA LEU B 141 -8.87 -34.16 17.99
C LEU B 141 -10.10 -34.43 18.85
N VAL B 142 -11.17 -33.67 18.61
CA VAL B 142 -12.44 -33.87 19.29
C VAL B 142 -13.48 -34.26 18.25
N THR B 143 -14.67 -34.63 18.73
CA THR B 143 -15.75 -35.03 17.84
C THR B 143 -17.07 -34.88 18.57
N VAL B 144 -18.14 -34.89 17.79
CA VAL B 144 -19.51 -34.87 18.30
C VAL B 144 -20.27 -35.99 17.60
N SER B 145 -20.90 -36.86 18.38
CA SER B 145 -21.60 -38.00 17.82
C SER B 145 -22.57 -38.55 18.87
N SER B 146 -23.43 -39.45 18.41
CA SER B 146 -24.37 -40.17 19.27
C SER B 146 -24.23 -41.67 19.04
N ALA B 147 -22.99 -42.16 19.01
CA ALA B 147 -22.68 -43.54 18.71
C ALA B 147 -22.06 -44.22 19.93
N SER B 148 -22.60 -45.38 20.28
CA SER B 148 -22.05 -46.20 21.35
C SER B 148 -20.91 -47.04 20.80
N THR B 149 -19.91 -47.29 21.66
CA THR B 149 -18.71 -48.01 21.24
C THR B 149 -19.07 -49.47 21.02
N LYS B 150 -19.26 -49.86 19.77
CA LYS B 150 -19.67 -51.22 19.41
C LYS B 150 -18.68 -51.80 18.42
N GLY B 151 -18.55 -53.12 18.45
CA GLY B 151 -17.56 -53.82 17.67
C GLY B 151 -17.88 -53.83 16.19
N PRO B 152 -16.93 -54.24 15.37
CA PRO B 152 -17.14 -54.30 13.93
C PRO B 152 -17.70 -55.66 13.49
N SER B 153 -17.99 -55.75 12.19
CA SER B 153 -18.44 -56.99 11.57
C SER B 153 -17.65 -57.20 10.29
N VAL B 154 -17.16 -58.43 10.10
CA VAL B 154 -16.35 -58.77 8.94
C VAL B 154 -17.24 -59.48 7.94
N PHE B 155 -17.50 -58.82 6.81
CA PHE B 155 -18.33 -59.39 5.76
C PHE B 155 -17.46 -59.78 4.57
N PRO B 156 -17.29 -61.05 4.25
CA PRO B 156 -16.49 -61.42 3.09
C PRO B 156 -17.18 -60.99 1.80
N LEU B 157 -16.36 -60.74 0.77
CA LEU B 157 -16.84 -60.30 -0.54
C LEU B 157 -16.46 -61.37 -1.57
N ALA B 158 -17.45 -62.08 -2.09
CA ALA B 158 -17.17 -63.08 -3.10
C ALA B 158 -16.72 -62.40 -4.39
N PRO B 159 -15.76 -62.99 -5.12
CA PRO B 159 -15.28 -62.38 -6.36
C PRO B 159 -16.19 -62.61 -7.56
N SER B 160 -17.23 -63.43 -7.44
CA SER B 160 -18.05 -63.84 -8.57
C SER B 160 -17.18 -64.52 -9.63
N SER B 161 -16.61 -65.66 -9.22
CA SER B 161 -15.66 -66.37 -10.07
C SER B 161 -16.25 -66.78 -11.39
N LYS B 162 -17.59 -66.89 -11.48
CA LYS B 162 -18.20 -67.18 -12.78
C LYS B 162 -17.82 -66.12 -13.81
N SER B 163 -17.61 -64.90 -13.37
CA SER B 163 -17.12 -63.81 -14.22
C SER B 163 -15.80 -63.29 -13.65
N THR B 164 -15.22 -62.30 -14.33
CA THR B 164 -13.94 -61.73 -13.93
C THR B 164 -12.89 -62.82 -13.78
N SER B 165 -12.87 -63.76 -14.72
CA SER B 165 -11.93 -64.86 -14.72
C SER B 165 -10.89 -64.65 -15.83
N GLY B 166 -9.64 -65.00 -15.52
CA GLY B 166 -8.55 -64.78 -16.43
C GLY B 166 -7.72 -63.58 -16.06
N GLY B 167 -8.39 -62.49 -15.66
CA GLY B 167 -7.71 -61.33 -15.15
C GLY B 167 -7.46 -61.43 -13.65
N THR B 168 -6.79 -60.41 -13.12
CA THR B 168 -6.46 -60.38 -11.70
C THR B 168 -7.74 -60.15 -10.91
N ALA B 169 -8.29 -61.23 -10.37
CA ALA B 169 -9.53 -61.13 -9.60
C ALA B 169 -9.27 -60.39 -8.28
N ALA B 170 -10.35 -59.90 -7.67
CA ALA B 170 -10.27 -59.10 -6.46
C ALA B 170 -11.02 -59.79 -5.34
N LEU B 171 -10.40 -59.83 -4.16
CA LEU B 171 -11.03 -60.32 -2.94
C LEU B 171 -11.01 -59.21 -1.90
N GLY B 172 -12.17 -58.93 -1.32
CA GLY B 172 -12.30 -57.82 -0.39
C GLY B 172 -13.08 -58.22 0.85
N CYS B 173 -12.90 -57.42 1.90
CA CYS B 173 -13.57 -57.64 3.17
C CYS B 173 -14.17 -56.31 3.61
N LEU B 174 -15.49 -56.29 3.77
CA LEU B 174 -16.20 -55.08 4.16
C LEU B 174 -16.40 -55.10 5.68
N VAL B 175 -15.97 -54.02 6.34
CA VAL B 175 -16.17 -53.84 7.77
C VAL B 175 -16.96 -52.56 7.98
N LYS B 176 -18.08 -52.66 8.69
CA LYS B 176 -18.94 -51.51 8.96
C LYS B 176 -19.55 -51.67 10.34
N ASP B 177 -20.29 -50.65 10.76
CA ASP B 177 -20.94 -50.62 12.06
C ASP B 177 -19.90 -50.79 13.18
N TYR B 178 -19.01 -49.81 13.23
CA TYR B 178 -17.96 -49.79 14.25
C TYR B 178 -17.61 -48.33 14.55
N PHE B 179 -16.95 -48.13 15.68
CA PHE B 179 -16.61 -46.81 16.16
C PHE B 179 -15.47 -46.92 17.15
N PRO B 180 -14.53 -45.96 17.18
CA PRO B 180 -14.37 -44.78 16.32
C PRO B 180 -13.43 -45.01 15.14
N GLU B 181 -12.95 -43.94 14.52
CA GLU B 181 -12.06 -44.05 13.37
C GLU B 181 -10.90 -45.01 13.57
N PRO B 182 -10.13 -44.96 14.66
CA PRO B 182 -8.96 -45.85 14.77
C PRO B 182 -9.31 -47.31 14.54
N VAL B 183 -8.78 -47.88 13.46
CA VAL B 183 -9.01 -49.28 13.11
C VAL B 183 -7.98 -49.69 12.08
N THR B 184 -7.57 -50.96 12.11
CA THR B 184 -6.61 -51.48 11.15
C THR B 184 -7.11 -52.80 10.58
N VAL B 185 -6.79 -53.03 9.32
CA VAL B 185 -7.17 -54.25 8.61
C VAL B 185 -5.90 -54.95 8.15
N SER B 186 -5.74 -56.20 8.56
CA SER B 186 -4.58 -57.00 8.20
C SER B 186 -5.01 -58.18 7.34
N TRP B 187 -4.32 -58.38 6.23
CA TRP B 187 -4.64 -59.46 5.31
C TRP B 187 -3.97 -60.74 5.78
N ASN B 188 -4.77 -61.79 5.98
CA ASN B 188 -4.27 -63.07 6.49
C ASN B 188 -3.56 -62.87 7.82
N SER B 189 -4.12 -62.01 8.66
CA SER B 189 -3.53 -61.70 9.97
C SER B 189 -2.12 -61.13 9.79
N GLY B 190 -1.94 -60.29 8.78
CA GLY B 190 -0.67 -59.67 8.51
C GLY B 190 0.28 -60.48 7.65
N ALA B 191 -0.13 -61.68 7.23
CA ALA B 191 0.77 -62.51 6.43
C ALA B 191 0.90 -62.00 5.00
N LEU B 192 -0.10 -61.28 4.51
CA LEU B 192 -0.11 -60.76 3.14
C LEU B 192 0.08 -59.26 3.17
N THR B 193 1.03 -58.76 2.38
CA THR B 193 1.35 -57.34 2.35
C THR B 193 1.36 -56.73 0.95
N SER B 194 1.48 -57.52 -0.11
CA SER B 194 1.52 -57.00 -1.46
C SER B 194 0.11 -56.90 -2.02
N GLY B 195 -0.18 -55.79 -2.69
CA GLY B 195 -1.50 -55.58 -3.27
C GLY B 195 -2.54 -55.06 -2.31
N VAL B 196 -2.18 -54.76 -1.07
CA VAL B 196 -3.13 -54.24 -0.10
C VAL B 196 -3.61 -52.87 -0.54
N HIS B 197 -4.92 -52.64 -0.48
CA HIS B 197 -5.53 -51.37 -0.86
C HIS B 197 -6.61 -51.04 0.16
N THR B 198 -6.23 -50.31 1.20
CA THR B 198 -7.20 -49.84 2.18
C THR B 198 -7.86 -48.56 1.69
N PHE B 199 -9.00 -48.23 2.29
CA PHE B 199 -9.75 -47.04 1.94
C PHE B 199 -10.12 -46.27 3.20
N PRO B 200 -10.18 -44.94 3.14
CA PRO B 200 -10.54 -44.18 4.33
C PRO B 200 -11.91 -44.59 4.85
N ALA B 201 -12.04 -44.60 6.18
CA ALA B 201 -13.29 -44.99 6.82
C ALA B 201 -14.30 -43.87 6.69
N VAL B 202 -15.14 -43.95 5.67
CA VAL B 202 -16.18 -42.94 5.47
C VAL B 202 -17.10 -42.94 6.68
N LEU B 203 -17.75 -41.79 6.90
CA LEU B 203 -18.68 -41.64 8.03
C LEU B 203 -20.08 -42.07 7.59
N GLN B 204 -20.54 -43.19 8.12
CA GLN B 204 -21.88 -43.68 7.79
C GLN B 204 -22.93 -42.74 8.36
N SER B 205 -24.01 -42.54 7.62
CA SER B 205 -25.02 -41.55 7.99
C SER B 205 -25.70 -41.89 9.31
N SER B 206 -25.62 -43.14 9.76
CA SER B 206 -26.27 -43.55 11.00
C SER B 206 -25.43 -43.30 12.24
N GLY B 207 -24.22 -42.77 12.09
CA GLY B 207 -23.36 -42.44 13.20
C GLY B 207 -22.18 -43.36 13.38
N LEU B 208 -22.23 -44.56 12.80
CA LEU B 208 -21.12 -45.50 12.90
C LEU B 208 -20.19 -45.28 11.70
N TYR B 209 -19.24 -46.19 11.50
CA TYR B 209 -18.23 -46.06 10.47
C TYR B 209 -18.25 -47.28 9.55
N SER B 210 -17.76 -47.08 8.33
CA SER B 210 -17.67 -48.15 7.34
C SER B 210 -16.34 -48.04 6.61
N LEU B 211 -15.69 -49.19 6.40
CA LEU B 211 -14.39 -49.24 5.74
C LEU B 211 -14.34 -50.49 4.88
N SER B 212 -13.84 -50.33 3.65
CA SER B 212 -13.72 -51.42 2.70
C SER B 212 -12.24 -51.66 2.41
N SER B 213 -11.88 -52.94 2.25
CA SER B 213 -10.52 -53.33 1.91
C SER B 213 -10.57 -54.36 0.79
N VAL B 214 -9.47 -54.44 0.04
CA VAL B 214 -9.42 -55.31 -1.14
C VAL B 214 -7.97 -55.61 -1.47
N VAL B 215 -7.75 -56.67 -2.24
CA VAL B 215 -6.44 -57.00 -2.79
C VAL B 215 -6.64 -57.46 -4.23
N THR B 216 -5.53 -57.64 -4.93
CA THR B 216 -5.53 -58.09 -6.32
C THR B 216 -4.95 -59.50 -6.35
N VAL B 217 -5.81 -60.49 -6.14
CA VAL B 217 -5.38 -61.88 -6.12
C VAL B 217 -5.16 -62.35 -7.56
N PRO B 218 -4.00 -62.90 -7.89
CA PRO B 218 -3.80 -63.43 -9.25
C PRO B 218 -4.83 -64.51 -9.57
N SER B 219 -5.20 -64.58 -10.86
CA SER B 219 -6.22 -65.53 -11.29
C SER B 219 -5.85 -66.96 -10.95
N SER B 220 -4.56 -67.28 -10.88
CA SER B 220 -4.14 -68.65 -10.58
C SER B 220 -4.28 -69.01 -9.12
N SER B 221 -4.56 -68.03 -8.25
CA SER B 221 -4.62 -68.26 -6.81
C SER B 221 -6.03 -68.05 -6.27
N LEU B 222 -7.06 -68.20 -7.12
CA LEU B 222 -8.43 -68.05 -6.65
C LEU B 222 -8.77 -69.09 -5.60
N GLY B 223 -8.36 -70.34 -5.82
CA GLY B 223 -8.64 -71.41 -4.88
C GLY B 223 -7.40 -72.18 -4.47
N THR B 224 -6.26 -71.48 -4.36
CA THR B 224 -5.00 -72.10 -3.98
C THR B 224 -4.72 -71.98 -2.49
N GLN B 225 -4.83 -70.78 -1.93
CA GLN B 225 -4.56 -70.55 -0.52
C GLN B 225 -5.78 -69.89 0.13
N THR B 226 -6.10 -70.36 1.33
CA THR B 226 -7.18 -69.74 2.10
C THR B 226 -6.80 -68.32 2.49
N TYR B 227 -7.80 -67.44 2.47
CA TYR B 227 -7.61 -66.02 2.79
C TYR B 227 -8.47 -65.70 4.01
N ILE B 228 -7.84 -65.64 5.18
CA ILE B 228 -8.53 -65.38 6.45
C ILE B 228 -8.37 -63.89 6.74
N CYS B 229 -9.43 -63.13 6.50
CA CYS B 229 -9.41 -61.68 6.68
C CYS B 229 -9.63 -61.36 8.15
N ASN B 230 -8.64 -60.75 8.79
CA ASN B 230 -8.69 -60.39 10.20
C ASN B 230 -8.62 -58.88 10.36
N VAL B 231 -9.38 -58.35 11.31
CA VAL B 231 -9.40 -56.94 11.61
C VAL B 231 -9.27 -56.77 13.12
N ASN B 232 -8.81 -55.59 13.53
CA ASN B 232 -8.61 -55.26 14.93
C ASN B 232 -9.32 -53.96 15.28
N HIS B 233 -9.63 -53.80 16.56
CA HIS B 233 -10.35 -52.64 17.06
C HIS B 233 -9.71 -52.21 18.38
N LYS B 234 -9.43 -50.91 18.51
CA LYS B 234 -8.63 -50.41 19.62
C LYS B 234 -9.43 -50.29 20.93
N PRO B 235 -10.55 -49.57 20.95
CA PRO B 235 -11.26 -49.42 22.23
C PRO B 235 -11.99 -50.67 22.67
N SER B 236 -12.69 -51.35 21.75
CA SER B 236 -13.33 -52.64 22.01
C SER B 236 -12.43 -53.70 21.39
N ASN B 237 -11.50 -54.21 22.20
CA ASN B 237 -10.44 -55.07 21.68
C ASN B 237 -10.97 -56.46 21.34
N THR B 238 -11.45 -56.61 20.10
CA THR B 238 -11.88 -57.89 19.57
C THR B 238 -11.17 -58.14 18.25
N LYS B 239 -10.56 -59.33 18.12
CA LYS B 239 -9.88 -59.70 16.89
C LYS B 239 -10.79 -60.63 16.09
N VAL B 240 -11.70 -60.02 15.35
CA VAL B 240 -12.66 -60.75 14.53
C VAL B 240 -12.03 -61.02 13.18
N ASP B 241 -12.08 -62.28 12.73
CA ASP B 241 -11.53 -62.67 11.44
C ASP B 241 -12.53 -63.53 10.70
N LYS B 242 -12.51 -63.39 9.37
CA LYS B 242 -13.38 -64.17 8.49
C LYS B 242 -12.60 -64.53 7.23
N LYS B 243 -13.03 -65.62 6.60
CA LYS B 243 -12.37 -66.17 5.43
C LYS B 243 -13.11 -65.78 4.17
N VAL B 244 -12.35 -65.45 3.12
CA VAL B 244 -12.89 -65.09 1.82
C VAL B 244 -12.46 -66.16 0.83
N GLU B 245 -13.43 -66.82 0.20
CA GLU B 245 -13.18 -67.88 -0.77
C GLU B 245 -14.12 -67.68 -1.95
N PRO B 246 -13.72 -68.14 -3.14
CA PRO B 246 -14.61 -67.99 -4.31
C PRO B 246 -15.89 -68.79 -4.14
N LYS B 247 -16.96 -68.29 -4.76
CA LYS B 247 -18.25 -68.97 -4.75
C LYS B 247 -18.14 -70.34 -5.40
N ASP C 21 -14.17 -11.80 7.80
CA ASP C 21 -15.01 -10.78 7.17
C ASP C 21 -14.69 -10.67 5.68
N ILE C 22 -13.42 -10.39 5.37
CA ILE C 22 -13.01 -10.31 3.97
C ILE C 22 -12.88 -11.71 3.40
N GLN C 23 -13.07 -11.83 2.09
CA GLN C 23 -13.06 -13.11 1.40
C GLN C 23 -11.73 -13.32 0.70
N MET C 24 -11.40 -14.59 0.47
CA MET C 24 -10.15 -14.98 -0.16
C MET C 24 -10.42 -16.15 -1.08
N THR C 25 -9.67 -16.23 -2.18
CA THR C 25 -9.89 -17.25 -3.20
C THR C 25 -8.57 -17.91 -3.56
N GLN C 26 -8.67 -19.13 -4.08
CA GLN C 26 -7.50 -19.93 -4.47
C GLN C 26 -7.87 -20.66 -5.76
N SER C 27 -7.51 -20.05 -6.89
CA SER C 27 -7.94 -20.59 -8.18
C SER C 27 -7.47 -22.01 -8.42
N PRO C 28 -6.19 -22.33 -8.30
CA PRO C 28 -5.75 -23.72 -8.57
C PRO C 28 -6.06 -24.66 -7.40
N SER C 29 -7.34 -25.02 -7.28
CA SER C 29 -7.78 -25.88 -6.19
C SER C 29 -7.18 -27.27 -6.26
N SER C 30 -6.58 -27.64 -7.39
CA SER C 30 -5.97 -28.96 -7.54
C SER C 30 -4.93 -28.88 -8.65
N LEU C 31 -3.71 -29.28 -8.35
CA LEU C 31 -2.61 -29.25 -9.30
C LEU C 31 -1.86 -30.58 -9.26
N SER C 32 -1.10 -30.83 -10.33
CA SER C 32 -0.26 -32.03 -10.40
C SER C 32 0.87 -31.76 -11.38
N ALA C 33 2.09 -31.68 -10.88
CA ALA C 33 3.25 -31.41 -11.70
C ALA C 33 4.36 -32.39 -11.35
N SER C 34 5.14 -32.76 -12.36
CA SER C 34 6.22 -33.72 -12.17
C SER C 34 7.40 -33.05 -11.48
N VAL C 35 8.30 -33.89 -10.95
CA VAL C 35 9.49 -33.38 -10.28
C VAL C 35 10.37 -32.64 -11.29
N GLY C 36 11.05 -31.60 -10.81
CA GLY C 36 11.91 -30.82 -11.68
C GLY C 36 11.19 -29.86 -12.58
N ASP C 37 9.93 -29.53 -12.28
CA ASP C 37 9.14 -28.60 -13.07
C ASP C 37 8.61 -27.50 -12.16
N ARG C 38 8.79 -26.26 -12.58
CA ARG C 38 8.30 -25.12 -11.81
C ARG C 38 6.78 -25.11 -11.78
N VAL C 39 6.22 -24.65 -10.66
CA VAL C 39 4.79 -24.48 -10.50
C VAL C 39 4.53 -23.12 -9.85
N THR C 40 3.28 -22.68 -9.93
CA THR C 40 2.90 -21.40 -9.37
C THR C 40 1.44 -21.47 -8.94
N ILE C 41 1.14 -20.91 -7.76
CA ILE C 41 -0.19 -20.91 -7.19
C ILE C 41 -0.60 -19.47 -6.93
N THR C 42 -1.81 -19.12 -7.35
CA THR C 42 -2.33 -17.77 -7.17
C THR C 42 -3.30 -17.71 -5.99
N CYS C 43 -3.47 -16.51 -5.47
CA CYS C 43 -4.35 -16.31 -4.32
C CYS C 43 -4.81 -14.85 -4.36
N ARG C 44 -6.07 -14.63 -4.70
CA ARG C 44 -6.63 -13.29 -4.87
C ARG C 44 -7.28 -12.83 -3.57
N ALA C 45 -7.08 -11.56 -3.25
CA ALA C 45 -7.65 -10.95 -2.04
C ALA C 45 -8.86 -10.11 -2.43
N SER C 46 -9.97 -10.31 -1.72
CA SER C 46 -11.19 -9.57 -2.02
C SER C 46 -10.97 -8.07 -1.85
N GLN C 47 -10.31 -7.66 -0.77
CA GLN C 47 -10.00 -6.27 -0.50
C GLN C 47 -8.60 -5.95 -1.00
N SER C 48 -8.11 -4.77 -0.64
CA SER C 48 -6.77 -4.31 -1.02
C SER C 48 -5.80 -4.42 0.15
N VAL C 49 -5.90 -5.50 0.92
CA VAL C 49 -5.03 -5.68 2.07
C VAL C 49 -3.58 -5.45 1.67
N SER C 50 -2.81 -4.90 2.61
CA SER C 50 -1.42 -4.51 2.36
C SER C 50 -0.52 -5.70 2.69
N SER C 51 -0.14 -6.47 1.66
CA SER C 51 0.68 -7.67 1.83
C SER C 51 0.06 -8.46 2.99
N ALA C 52 0.80 -8.80 4.02
CA ALA C 52 0.22 -9.42 5.22
C ALA C 52 -0.49 -10.73 4.86
N VAL C 53 0.20 -11.57 4.09
CA VAL C 53 -0.30 -12.89 3.74
C VAL C 53 0.81 -13.90 3.99
N ALA C 54 0.42 -15.16 4.10
CA ALA C 54 1.38 -16.22 4.38
C ALA C 54 0.93 -17.48 3.67
N TRP C 55 1.87 -18.40 3.48
CA TRP C 55 1.62 -19.66 2.82
C TRP C 55 2.14 -20.79 3.70
N TYR C 56 1.28 -21.75 3.98
CA TYR C 56 1.58 -22.85 4.89
C TYR C 56 1.69 -24.15 4.11
N GLN C 57 2.78 -24.89 4.34
CA GLN C 57 3.04 -26.15 3.66
C GLN C 57 2.56 -27.27 4.57
N GLN C 58 1.24 -27.47 4.61
CA GLN C 58 0.64 -28.45 5.51
C GLN C 58 0.81 -29.85 4.93
N LYS C 59 1.60 -30.67 5.60
CA LYS C 59 1.66 -32.08 5.26
C LYS C 59 0.36 -32.76 5.69
N PRO C 60 -0.02 -33.86 5.04
CA PRO C 60 -1.19 -34.61 5.51
C PRO C 60 -0.92 -35.33 6.83
N GLY C 61 -1.61 -34.92 7.88
CA GLY C 61 -1.49 -35.55 9.18
C GLY C 61 -0.57 -34.84 10.16
N LYS C 62 0.08 -33.77 9.75
CA LYS C 62 0.97 -33.00 10.62
C LYS C 62 0.45 -31.58 10.75
N ALA C 63 1.21 -30.76 11.48
CA ALA C 63 0.81 -29.37 11.71
C ALA C 63 1.32 -28.47 10.58
N PRO C 64 0.48 -27.58 10.05
CA PRO C 64 0.97 -26.68 9.00
C PRO C 64 2.15 -25.84 9.48
N LYS C 65 3.07 -25.57 8.57
CA LYS C 65 4.29 -24.83 8.88
C LYS C 65 4.39 -23.62 7.97
N LEU C 66 4.81 -22.49 8.56
CA LEU C 66 4.93 -21.26 7.79
C LEU C 66 6.13 -21.32 6.86
N LEU C 67 5.94 -20.84 5.62
CA LEU C 67 6.98 -20.80 4.62
C LEU C 67 7.27 -19.38 4.15
N ILE C 68 6.25 -18.61 3.81
CA ILE C 68 6.40 -17.25 3.30
C ILE C 68 5.57 -16.32 4.17
N TYR C 69 6.15 -15.20 4.55
CA TYR C 69 5.44 -14.16 5.29
C TYR C 69 5.76 -12.80 4.68
N SER C 70 4.83 -11.87 4.87
CA SER C 70 4.89 -10.52 4.29
C SER C 70 4.67 -10.53 2.78
N ALA C 71 4.38 -11.69 2.19
CA ALA C 71 4.10 -11.88 0.77
C ALA C 71 5.33 -11.82 -0.11
N SER C 72 6.47 -11.36 0.39
CA SER C 72 7.67 -11.25 -0.42
C SER C 72 8.87 -11.95 0.20
N SER C 73 9.00 -11.93 1.52
CA SER C 73 10.16 -12.48 2.19
C SER C 73 10.04 -14.00 2.31
N LEU C 74 11.06 -14.62 2.89
CA LEU C 74 11.12 -16.06 3.07
C LEU C 74 11.36 -16.34 4.54
N TYR C 75 10.64 -17.33 5.07
CA TYR C 75 10.85 -17.75 6.45
C TYR C 75 12.21 -18.44 6.59
N SER C 76 12.90 -18.12 7.68
CA SER C 76 14.23 -18.66 7.92
C SER C 76 14.15 -20.12 8.32
N GLY C 77 14.98 -20.96 7.70
CA GLY C 77 15.02 -22.37 8.00
C GLY C 77 14.40 -23.28 6.96
N VAL C 78 14.00 -22.75 5.81
CA VAL C 78 13.39 -23.56 4.76
C VAL C 78 14.08 -23.25 3.44
N PRO C 79 14.01 -24.17 2.47
CA PRO C 79 14.74 -23.97 1.22
C PRO C 79 14.33 -22.66 0.53
N SER C 80 15.33 -22.05 -0.12
CA SER C 80 15.12 -20.76 -0.78
C SER C 80 14.32 -20.87 -2.08
N ARG C 81 14.10 -22.07 -2.59
CA ARG C 81 13.34 -22.21 -3.83
C ARG C 81 11.94 -21.62 -3.71
N PHE C 82 11.38 -21.57 -2.51
CA PHE C 82 10.09 -20.95 -2.30
C PHE C 82 10.22 -19.44 -2.29
N SER C 83 9.39 -18.77 -3.08
CA SER C 83 9.38 -17.31 -3.11
C SER C 83 8.12 -16.84 -3.80
N GLY C 84 7.40 -15.91 -3.17
CA GLY C 84 6.18 -15.37 -3.72
C GLY C 84 6.35 -13.92 -4.13
N SER C 85 5.25 -13.33 -4.60
CA SER C 85 5.26 -11.94 -5.02
C SER C 85 3.91 -11.31 -4.71
N ARG C 86 3.90 -9.99 -4.56
CA ARG C 86 2.70 -9.22 -4.30
C ARG C 86 2.32 -8.47 -5.57
N SER C 87 1.05 -8.57 -5.96
CA SER C 87 0.54 -7.89 -7.16
C SER C 87 -0.85 -7.37 -6.83
N GLY C 88 -0.92 -6.09 -6.46
CA GLY C 88 -2.19 -5.49 -6.11
C GLY C 88 -2.93 -6.27 -5.05
N THR C 89 -4.05 -6.89 -5.42
CA THR C 89 -4.82 -7.74 -4.53
C THR C 89 -4.60 -9.22 -4.82
N ASP C 90 -3.65 -9.55 -5.69
CA ASP C 90 -3.38 -10.93 -6.07
C ASP C 90 -1.98 -11.31 -5.57
N PHE C 91 -1.92 -12.37 -4.76
CA PHE C 91 -0.66 -12.89 -4.24
C PHE C 91 -0.42 -14.27 -4.86
N THR C 92 0.80 -14.49 -5.34
CA THR C 92 1.16 -15.72 -6.03
C THR C 92 2.39 -16.33 -5.38
N LEU C 93 2.37 -17.66 -5.22
CA LEU C 93 3.48 -18.42 -4.70
C LEU C 93 4.17 -19.14 -5.84
N THR C 94 5.49 -19.25 -5.77
CA THR C 94 6.30 -19.87 -6.81
C THR C 94 7.26 -20.88 -6.21
N ILE C 95 7.44 -21.98 -6.91
CA ILE C 95 8.41 -23.02 -6.54
C ILE C 95 9.28 -23.29 -7.75
N SER C 96 10.59 -23.06 -7.62
CA SER C 96 11.49 -23.22 -8.75
C SER C 96 11.63 -24.68 -9.14
N SER C 97 12.13 -25.51 -8.21
CA SER C 97 12.30 -26.94 -8.45
C SER C 97 11.38 -27.71 -7.52
N LEU C 98 10.57 -28.61 -8.10
CA LEU C 98 9.62 -29.40 -7.33
C LEU C 98 10.32 -30.69 -6.92
N GLN C 99 10.91 -30.69 -5.73
CA GLN C 99 11.50 -31.90 -5.19
C GLN C 99 10.39 -32.82 -4.67
N PRO C 100 10.63 -34.14 -4.65
CA PRO C 100 9.54 -35.07 -4.34
C PRO C 100 8.91 -34.87 -2.97
N GLU C 101 9.64 -34.31 -2.00
CA GLU C 101 9.16 -34.23 -0.63
C GLU C 101 8.27 -33.01 -0.38
N ASP C 102 8.08 -32.14 -1.37
CA ASP C 102 7.26 -30.96 -1.20
C ASP C 102 5.83 -31.14 -1.68
N PHE C 103 5.45 -32.35 -2.09
CA PHE C 103 4.10 -32.59 -2.57
C PHE C 103 3.11 -32.63 -1.42
N ALA C 104 2.62 -31.46 -1.00
CA ALA C 104 1.68 -31.38 0.10
C ALA C 104 0.81 -30.14 -0.07
N THR C 105 -0.34 -30.16 0.60
CA THR C 105 -1.29 -29.06 0.49
C THR C 105 -0.67 -27.74 0.90
N TYR C 106 -0.97 -26.69 0.15
CA TYR C 106 -0.49 -25.34 0.42
C TYR C 106 -1.68 -24.42 0.61
N TYR C 107 -1.71 -23.72 1.75
CA TYR C 107 -2.82 -22.85 2.11
C TYR C 107 -2.36 -21.40 2.11
N CYS C 108 -3.16 -20.53 1.51
CA CYS C 108 -2.89 -19.09 1.48
C CYS C 108 -3.83 -18.40 2.46
N GLN C 109 -3.27 -17.57 3.33
CA GLN C 109 -4.04 -16.93 4.39
C GLN C 109 -3.49 -15.53 4.64
N GLN C 110 -4.39 -14.56 4.74
CA GLN C 110 -4.04 -13.20 5.07
C GLN C 110 -4.15 -12.98 6.58
N TYR C 111 -3.64 -11.83 7.04
CA TYR C 111 -3.74 -11.47 8.45
C TYR C 111 -3.67 -9.95 8.55
N LEU C 112 -4.82 -9.32 8.81
CA LEU C 112 -4.89 -7.88 8.95
C LEU C 112 -5.13 -7.42 10.37
N TYR C 113 -5.50 -8.32 11.27
CA TYR C 113 -5.76 -7.97 12.66
C TYR C 113 -5.83 -9.27 13.47
N TYR C 114 -5.78 -9.12 14.78
CA TYR C 114 -5.80 -10.27 15.67
C TYR C 114 -7.12 -11.04 15.61
N SER C 115 -8.16 -10.45 15.02
CA SER C 115 -9.45 -11.12 14.91
C SER C 115 -10.05 -10.91 13.53
N LEU C 116 -9.22 -10.97 12.49
CA LEU C 116 -9.71 -10.87 11.12
C LEU C 116 -9.00 -11.83 10.17
N VAL C 117 -8.32 -12.85 10.71
CA VAL C 117 -7.58 -13.79 9.88
C VAL C 117 -8.55 -14.73 9.19
N THR C 118 -8.34 -14.97 7.90
CA THR C 118 -9.12 -15.93 7.14
C THR C 118 -8.19 -16.75 6.27
N PHE C 119 -8.62 -17.98 5.97
CA PHE C 119 -7.84 -18.92 5.18
C PHE C 119 -8.57 -19.24 3.89
N GLY C 120 -7.80 -19.50 2.84
CA GLY C 120 -8.36 -19.89 1.57
C GLY C 120 -8.80 -21.34 1.56
N GLN C 121 -9.38 -21.75 0.43
CA GLN C 121 -9.82 -23.13 0.30
C GLN C 121 -8.64 -24.10 0.42
N GLY C 122 -7.53 -23.78 -0.23
CA GLY C 122 -6.35 -24.61 -0.20
C GLY C 122 -6.14 -25.34 -1.51
N THR C 123 -4.88 -25.50 -1.89
CA THR C 123 -4.50 -26.20 -3.10
C THR C 123 -3.75 -27.46 -2.75
N LYS C 124 -4.06 -28.55 -3.45
CA LYS C 124 -3.41 -29.83 -3.26
C LYS C 124 -2.55 -30.14 -4.49
N VAL C 125 -1.27 -30.34 -4.27
CA VAL C 125 -0.36 -30.72 -5.34
C VAL C 125 -0.28 -32.24 -5.38
N GLU C 126 0.13 -32.77 -6.53
CA GLU C 126 0.13 -34.21 -6.73
C GLU C 126 1.19 -34.58 -7.75
N ILE C 127 1.47 -35.87 -7.83
CA ILE C 127 2.50 -36.40 -8.75
C ILE C 127 1.83 -36.82 -10.04
N LYS C 128 2.38 -36.38 -11.16
CA LYS C 128 1.82 -36.71 -12.46
C LYS C 128 2.10 -38.15 -12.83
N ARG C 129 1.12 -38.81 -13.44
CA ARG C 129 1.26 -40.18 -13.88
C ARG C 129 0.45 -40.38 -15.15
N THR C 130 0.90 -41.31 -15.99
CA THR C 130 0.23 -41.54 -17.26
C THR C 130 -1.16 -42.12 -17.03
N VAL C 131 -2.12 -41.61 -17.82
CA VAL C 131 -3.51 -42.02 -17.66
C VAL C 131 -3.62 -43.53 -17.79
N ALA C 132 -4.60 -44.11 -17.09
CA ALA C 132 -4.85 -45.54 -17.13
C ALA C 132 -6.35 -45.79 -17.05
N ALA C 133 -6.82 -46.71 -17.87
CA ALA C 133 -8.23 -47.07 -17.84
C ALA C 133 -8.54 -47.85 -16.57
N PRO C 134 -9.47 -47.41 -15.73
CA PRO C 134 -9.76 -48.16 -14.51
C PRO C 134 -10.25 -49.57 -14.82
N SER C 135 -9.84 -50.52 -13.99
CA SER C 135 -10.28 -51.91 -14.09
C SER C 135 -11.41 -52.10 -13.09
N VAL C 136 -12.64 -51.89 -13.52
CA VAL C 136 -13.78 -51.89 -12.63
C VAL C 136 -14.04 -53.31 -12.14
N PHE C 137 -14.23 -53.46 -10.83
CA PHE C 137 -14.68 -54.69 -10.22
C PHE C 137 -15.93 -54.40 -9.40
N ILE C 138 -16.91 -55.30 -9.48
CA ILE C 138 -18.14 -55.17 -8.72
C ILE C 138 -18.33 -56.44 -7.90
N PHE C 139 -18.95 -56.28 -6.73
CA PHE C 139 -19.17 -57.40 -5.84
C PHE C 139 -20.65 -57.50 -5.48
N PRO C 140 -21.20 -58.70 -5.37
CA PRO C 140 -22.60 -58.84 -5.01
C PRO C 140 -22.80 -58.65 -3.52
N PRO C 141 -24.04 -58.55 -3.06
CA PRO C 141 -24.27 -58.51 -1.60
C PRO C 141 -23.74 -59.76 -0.94
N SER C 142 -23.09 -59.59 0.21
CA SER C 142 -22.51 -60.73 0.90
C SER C 142 -23.61 -61.64 1.44
N ASP C 143 -23.47 -62.94 1.20
CA ASP C 143 -24.47 -63.89 1.68
C ASP C 143 -24.62 -63.80 3.20
N SER C 144 -23.53 -63.51 3.92
CA SER C 144 -23.63 -63.31 5.36
C SER C 144 -24.47 -62.08 5.70
N GLN C 145 -24.38 -61.03 4.89
CA GLN C 145 -25.20 -59.84 5.12
C GLN C 145 -26.69 -60.14 4.97
N LEU C 146 -27.05 -61.22 4.28
CA LEU C 146 -28.46 -61.57 4.13
C LEU C 146 -29.09 -61.89 5.49
N LYS C 147 -28.36 -62.61 6.34
CA LYS C 147 -28.93 -62.98 7.64
C LYS C 147 -29.01 -61.79 8.58
N SER C 148 -28.09 -60.83 8.46
CA SER C 148 -28.08 -59.69 9.36
C SER C 148 -29.36 -58.87 9.24
N GLY C 149 -29.83 -58.66 8.01
CA GLY C 149 -31.01 -57.85 7.73
C GLY C 149 -30.74 -56.68 6.82
N THR C 150 -29.47 -56.32 6.61
CA THR C 150 -29.10 -55.24 5.70
C THR C 150 -27.97 -55.72 4.81
N ALA C 151 -28.09 -55.46 3.51
CA ALA C 151 -27.08 -55.83 2.52
C ALA C 151 -26.42 -54.56 1.99
N SER C 152 -25.47 -54.77 1.08
CA SER C 152 -24.76 -53.66 0.46
C SER C 152 -23.97 -54.18 -0.72
N VAL C 153 -23.93 -53.39 -1.79
CA VAL C 153 -23.18 -53.72 -3.00
C VAL C 153 -22.07 -52.70 -3.16
N VAL C 154 -20.84 -53.18 -3.34
CA VAL C 154 -19.67 -52.34 -3.48
C VAL C 154 -19.01 -52.66 -4.81
N CYS C 155 -18.71 -51.61 -5.59
CA CYS C 155 -18.00 -51.78 -6.84
C CYS C 155 -16.79 -50.85 -6.84
N LEU C 156 -15.75 -51.27 -7.54
CA LEU C 156 -14.39 -50.86 -7.27
C LEU C 156 -13.76 -50.17 -8.47
N LEU C 157 -12.77 -49.33 -8.19
CA LEU C 157 -11.99 -48.66 -9.22
C LEU C 157 -10.56 -48.50 -8.69
N ASN C 158 -9.66 -49.36 -9.15
CA ASN C 158 -8.28 -49.35 -8.69
C ASN C 158 -7.34 -49.26 -9.88
N ASN C 159 -6.14 -48.74 -9.63
CA ASN C 159 -5.10 -48.60 -10.64
C ASN C 159 -5.60 -47.74 -11.80
N PHE C 160 -5.92 -46.49 -11.50
CA PHE C 160 -6.40 -45.55 -12.49
C PHE C 160 -5.85 -44.17 -12.19
N TYR C 161 -6.13 -43.22 -13.07
CA TYR C 161 -5.64 -41.85 -12.96
C TYR C 161 -6.35 -40.97 -13.97
N PRO C 162 -6.78 -39.75 -13.59
CA PRO C 162 -6.73 -39.11 -12.27
C PRO C 162 -7.98 -39.40 -11.42
N ARG C 163 -8.20 -38.61 -10.36
CA ARG C 163 -9.33 -38.86 -9.48
C ARG C 163 -10.65 -38.75 -10.24
N GLU C 164 -10.72 -37.83 -11.20
CA GLU C 164 -12.01 -37.46 -11.78
C GLU C 164 -12.66 -38.64 -12.46
N ALA C 165 -13.77 -39.12 -11.90
CA ALA C 165 -14.54 -40.21 -12.48
C ALA C 165 -15.93 -40.25 -11.84
N LYS C 166 -16.97 -40.22 -12.67
CA LYS C 166 -18.35 -40.13 -12.20
C LYS C 166 -18.99 -41.52 -12.33
N VAL C 167 -19.31 -42.12 -11.19
CA VAL C 167 -20.03 -43.39 -11.15
C VAL C 167 -21.46 -43.10 -10.71
N GLN C 168 -22.43 -43.65 -11.44
CA GLN C 168 -23.83 -43.31 -11.24
C GLN C 168 -24.60 -44.38 -10.45
N TRP C 169 -24.12 -45.62 -10.44
CA TRP C 169 -24.79 -46.70 -9.73
C TRP C 169 -26.22 -46.89 -10.25
N LYS C 170 -26.30 -47.26 -11.53
CA LYS C 170 -27.59 -47.45 -12.20
C LYS C 170 -28.36 -48.58 -11.54
N VAL C 171 -29.59 -48.29 -11.12
CA VAL C 171 -30.50 -49.29 -10.55
C VAL C 171 -31.84 -49.15 -11.26
N ASP C 172 -32.39 -50.27 -11.71
CA ASP C 172 -33.66 -50.27 -12.45
C ASP C 172 -33.57 -49.37 -13.69
N ASN C 173 -32.40 -49.38 -14.32
CA ASN C 173 -32.16 -48.56 -15.52
C ASN C 173 -32.53 -47.10 -15.24
N ALA C 174 -32.10 -46.60 -14.09
CA ALA C 174 -32.42 -45.25 -13.66
C ALA C 174 -31.20 -44.63 -12.98
N LEU C 175 -31.30 -43.36 -12.65
CA LEU C 175 -30.24 -42.62 -12.00
C LEU C 175 -30.44 -42.68 -10.49
N GLN C 176 -29.38 -43.02 -9.76
CA GLN C 176 -29.40 -43.11 -8.31
C GLN C 176 -28.39 -42.13 -7.73
N SER C 177 -28.84 -41.29 -6.81
CA SER C 177 -27.98 -40.34 -6.13
C SER C 177 -28.45 -40.17 -4.70
N GLY C 178 -27.50 -40.06 -3.78
CA GLY C 178 -27.80 -39.97 -2.37
C GLY C 178 -27.81 -41.30 -1.65
N ASN C 179 -27.92 -42.41 -2.37
CA ASN C 179 -27.86 -43.74 -1.78
C ASN C 179 -26.45 -44.31 -1.78
N SER C 180 -25.49 -43.61 -2.35
CA SER C 180 -24.12 -44.09 -2.47
C SER C 180 -23.18 -43.25 -1.62
N GLN C 181 -22.21 -43.93 -1.01
CA GLN C 181 -21.18 -43.28 -0.18
C GLN C 181 -19.83 -43.75 -0.68
N GLU C 182 -19.10 -42.86 -1.35
CA GLU C 182 -17.84 -43.22 -1.98
C GLU C 182 -16.65 -42.78 -1.12
N SER C 183 -15.49 -43.36 -1.43
CA SER C 183 -14.25 -43.00 -0.77
C SER C 183 -13.10 -43.33 -1.72
N VAL C 184 -12.02 -42.55 -1.59
CA VAL C 184 -10.84 -42.71 -2.45
C VAL C 184 -9.60 -42.68 -1.57
N THR C 185 -8.70 -43.62 -1.80
CA THR C 185 -7.47 -43.67 -1.03
C THR C 185 -6.52 -42.55 -1.45
N GLU C 186 -5.51 -42.32 -0.62
CA GLU C 186 -4.48 -41.35 -0.95
C GLU C 186 -3.58 -41.90 -2.05
N GLN C 187 -2.90 -40.99 -2.73
CA GLN C 187 -1.99 -41.37 -3.81
C GLN C 187 -0.92 -42.29 -3.27
N ASP C 188 -0.93 -43.55 -3.71
CA ASP C 188 0.09 -44.48 -3.29
C ASP C 188 1.43 -44.13 -3.93
N SER C 189 2.51 -44.45 -3.22
CA SER C 189 3.84 -44.03 -3.61
C SER C 189 4.58 -45.06 -4.44
N LYS C 190 3.98 -46.21 -4.73
CA LYS C 190 4.67 -47.24 -5.49
C LYS C 190 4.53 -47.01 -6.99
N ASP C 191 3.29 -47.00 -7.49
CA ASP C 191 3.02 -46.77 -8.90
C ASP C 191 2.29 -45.46 -9.15
N SER C 192 2.01 -44.68 -8.11
CA SER C 192 1.38 -43.38 -8.25
C SER C 192 0.00 -43.49 -8.93
N THR C 193 -0.91 -44.19 -8.26
CA THR C 193 -2.27 -44.35 -8.75
C THR C 193 -3.24 -44.14 -7.60
N TYR C 194 -4.49 -43.85 -7.95
CA TYR C 194 -5.57 -43.69 -6.98
C TYR C 194 -6.33 -45.01 -6.87
N SER C 195 -7.37 -44.99 -6.03
CA SER C 195 -8.26 -46.14 -5.90
C SER C 195 -9.55 -45.66 -5.26
N LEU C 196 -10.66 -45.75 -6.00
CA LEU C 196 -11.96 -45.29 -5.55
C LEU C 196 -12.88 -46.50 -5.44
N SER C 197 -13.59 -46.60 -4.32
CA SER C 197 -14.48 -47.73 -4.05
C SER C 197 -15.84 -47.17 -3.64
N SER C 198 -16.69 -46.90 -4.62
CA SER C 198 -18.03 -46.41 -4.32
C SER C 198 -18.85 -47.50 -3.63
N THR C 199 -19.59 -47.10 -2.60
CA THR C 199 -20.45 -48.01 -1.85
C THR C 199 -21.89 -47.54 -1.96
N LEU C 200 -22.77 -48.44 -2.37
CA LEU C 200 -24.21 -48.17 -2.45
C LEU C 200 -24.89 -48.85 -1.28
N THR C 201 -25.62 -48.07 -0.48
CA THR C 201 -26.22 -48.56 0.75
C THR C 201 -27.70 -48.86 0.51
N LEU C 202 -28.08 -50.12 0.67
CA LEU C 202 -29.46 -50.55 0.52
C LEU C 202 -29.84 -51.47 1.66
N SER C 203 -31.14 -51.52 1.95
CA SER C 203 -31.67 -52.43 2.95
C SER C 203 -31.98 -53.77 2.27
N LYS C 204 -32.70 -54.64 2.97
CA LYS C 204 -33.03 -55.94 2.42
C LYS C 204 -34.03 -55.88 1.26
N ALA C 205 -34.48 -54.68 0.89
CA ALA C 205 -35.42 -54.55 -0.22
C ALA C 205 -34.80 -54.87 -1.57
N ASP C 206 -33.47 -55.01 -1.64
CA ASP C 206 -32.83 -55.25 -2.93
C ASP C 206 -33.37 -56.50 -3.61
N TYR C 207 -33.73 -57.53 -2.83
CA TYR C 207 -34.16 -58.79 -3.43
C TYR C 207 -35.40 -58.59 -4.29
N GLU C 208 -36.37 -57.82 -3.81
CA GLU C 208 -37.60 -57.57 -4.56
C GLU C 208 -37.44 -56.45 -5.58
N LYS C 209 -36.29 -55.80 -5.64
CA LYS C 209 -36.03 -54.75 -6.61
C LYS C 209 -35.38 -55.37 -7.86
N HIS C 210 -34.88 -54.51 -8.75
CA HIS C 210 -34.22 -54.99 -9.96
C HIS C 210 -33.12 -55.98 -9.59
N LYS C 211 -33.26 -57.21 -10.08
CA LYS C 211 -32.28 -58.25 -9.75
C LYS C 211 -30.90 -57.88 -10.28
N VAL C 212 -30.83 -57.38 -11.51
CA VAL C 212 -29.57 -57.04 -12.15
C VAL C 212 -29.18 -55.62 -11.77
N TYR C 213 -27.87 -55.40 -11.60
CA TYR C 213 -27.33 -54.10 -11.22
C TYR C 213 -26.06 -53.82 -12.02
N ALA C 214 -25.69 -52.56 -12.11
CA ALA C 214 -24.45 -52.17 -12.80
C ALA C 214 -24.11 -50.74 -12.43
N CYS C 215 -22.88 -50.51 -11.97
CA CYS C 215 -22.39 -49.18 -11.64
C CYS C 215 -21.62 -48.64 -12.83
N GLU C 216 -22.32 -47.97 -13.74
CA GLU C 216 -21.66 -47.42 -14.91
C GLU C 216 -20.58 -46.44 -14.49
N VAL C 217 -19.45 -46.50 -15.19
CA VAL C 217 -18.26 -45.72 -14.85
C VAL C 217 -17.92 -44.82 -16.03
N THR C 218 -17.53 -43.59 -15.73
CA THR C 218 -17.07 -42.64 -16.73
C THR C 218 -15.71 -42.11 -16.31
N HIS C 219 -14.72 -42.24 -17.18
CA HIS C 219 -13.37 -41.79 -16.90
C HIS C 219 -12.76 -41.20 -18.16
N GLN C 220 -11.81 -40.28 -17.95
CA GLN C 220 -11.18 -39.60 -19.08
C GLN C 220 -10.49 -40.60 -20.01
N GLY C 221 -9.93 -41.66 -19.44
CA GLY C 221 -9.28 -42.68 -20.25
C GLY C 221 -10.19 -43.72 -20.85
N LEU C 222 -11.49 -43.60 -20.62
CA LEU C 222 -12.47 -44.56 -21.12
C LEU C 222 -13.42 -43.85 -22.09
N SER C 223 -13.61 -44.44 -23.27
CA SER C 223 -14.56 -43.88 -24.23
C SER C 223 -15.98 -44.33 -23.92
N SER C 224 -16.22 -45.64 -23.93
CA SER C 224 -17.54 -46.16 -23.63
C SER C 224 -17.58 -46.72 -22.21
N PRO C 225 -18.65 -46.46 -21.44
CA PRO C 225 -18.67 -46.93 -20.06
C PRO C 225 -18.58 -48.45 -19.98
N VAL C 226 -17.96 -48.93 -18.90
CA VAL C 226 -17.89 -50.36 -18.60
C VAL C 226 -18.94 -50.65 -17.53
N THR C 227 -19.81 -51.62 -17.80
CA THR C 227 -20.95 -51.91 -16.94
C THR C 227 -20.99 -53.41 -16.64
N LYS C 228 -20.28 -53.81 -15.59
CA LYS C 228 -20.41 -55.18 -15.09
C LYS C 228 -21.74 -55.35 -14.38
N SER C 229 -22.23 -56.59 -14.33
CA SER C 229 -23.54 -56.86 -13.76
C SER C 229 -23.59 -58.27 -13.22
N PHE C 230 -24.58 -58.52 -12.37
CA PHE C 230 -24.83 -59.83 -11.79
C PHE C 230 -26.33 -60.04 -11.67
N ASN C 231 -26.72 -61.30 -11.44
CA ASN C 231 -28.12 -61.64 -11.30
C ASN C 231 -28.54 -61.60 -9.83
N ARG C 232 -29.80 -61.91 -9.57
CA ARG C 232 -30.35 -61.92 -8.22
C ARG C 232 -30.19 -60.55 -7.57
N GLN D 35 -26.57 -28.24 -32.43
CA GLN D 35 -25.70 -28.37 -33.62
C GLN D 35 -24.30 -27.83 -33.37
N VAL D 36 -23.66 -28.32 -32.31
CA VAL D 36 -22.26 -28.03 -32.05
C VAL D 36 -21.52 -29.36 -32.24
N GLN D 37 -21.04 -29.57 -33.46
CA GLN D 37 -20.38 -30.81 -33.84
C GLN D 37 -18.86 -30.62 -33.76
N LEU D 38 -18.14 -31.68 -34.13
CA LEU D 38 -16.69 -31.67 -34.09
C LEU D 38 -16.12 -32.23 -35.38
N GLN D 39 -14.99 -31.68 -35.82
CA GLN D 39 -14.33 -32.08 -37.04
C GLN D 39 -12.83 -32.18 -36.79
N GLU D 40 -12.23 -33.27 -37.27
CA GLU D 40 -10.79 -33.49 -37.15
C GLU D 40 -10.17 -33.49 -38.53
N SER D 41 -9.11 -32.70 -38.71
CA SER D 41 -8.47 -32.50 -40.01
C SER D 41 -7.01 -32.93 -39.93
N GLY D 42 -6.55 -33.61 -40.98
CA GLY D 42 -5.20 -34.11 -41.04
C GLY D 42 -5.13 -35.48 -41.66
N GLY D 43 -4.34 -36.38 -41.06
CA GLY D 43 -4.27 -37.74 -41.52
C GLY D 43 -3.63 -37.90 -42.88
N GLY D 44 -3.21 -39.11 -43.20
CA GLY D 44 -2.58 -39.39 -44.47
C GLY D 44 -1.59 -40.52 -44.31
N LEU D 45 -0.73 -40.67 -45.32
CA LEU D 45 0.36 -41.64 -45.30
C LEU D 45 1.68 -40.90 -45.26
N VAL D 46 2.49 -41.17 -44.24
CA VAL D 46 3.78 -40.52 -44.06
C VAL D 46 4.79 -41.57 -43.60
N GLN D 47 6.01 -41.49 -44.13
CA GLN D 47 7.04 -42.49 -43.79
C GLN D 47 7.66 -42.27 -42.41
N PRO D 48 8.40 -43.28 -41.90
CA PRO D 48 8.97 -43.19 -40.55
C PRO D 48 9.74 -41.91 -40.33
N GLY D 49 9.56 -41.26 -39.17
CA GLY D 49 10.38 -40.11 -38.96
C GLY D 49 9.70 -38.79 -39.28
N GLY D 50 8.65 -38.83 -40.10
CA GLY D 50 7.85 -37.65 -40.39
C GLY D 50 6.82 -37.40 -39.31
N SER D 51 5.90 -36.49 -39.57
CA SER D 51 4.87 -36.14 -38.61
C SER D 51 3.73 -35.46 -39.35
N LEU D 52 2.71 -35.05 -38.59
CA LEU D 52 1.52 -34.40 -39.13
C LEU D 52 0.97 -33.49 -38.04
N ARG D 53 -0.26 -33.03 -38.21
CA ARG D 53 -0.88 -32.16 -37.23
C ARG D 53 -2.39 -32.33 -37.32
N LEU D 54 -3.07 -32.26 -36.17
CA LEU D 54 -4.50 -32.46 -36.09
C LEU D 54 -5.12 -31.32 -35.30
N SER D 55 -6.03 -30.58 -35.93
CA SER D 55 -6.71 -29.44 -35.30
C SER D 55 -8.20 -29.70 -35.31
N CYS D 56 -8.77 -29.92 -34.12
CA CYS D 56 -10.17 -30.29 -33.96
C CYS D 56 -10.90 -29.09 -33.35
N ALA D 57 -11.49 -28.26 -34.21
CA ALA D 57 -12.15 -27.03 -33.79
C ALA D 57 -13.65 -27.23 -33.66
N ALA D 58 -14.30 -26.25 -33.04
CA ALA D 58 -15.73 -26.30 -32.79
C ALA D 58 -16.35 -24.94 -33.03
N SER D 59 -17.64 -24.95 -33.38
CA SER D 59 -18.39 -23.74 -33.66
C SER D 59 -19.75 -23.83 -32.98
N GLY D 60 -20.29 -22.67 -32.61
CA GLY D 60 -21.61 -22.59 -32.04
C GLY D 60 -21.69 -22.83 -30.55
N ARG D 61 -20.59 -22.67 -29.82
CA ARG D 61 -20.60 -22.87 -28.38
C ARG D 61 -19.39 -22.18 -27.78
N THR D 62 -19.39 -22.09 -26.45
CA THR D 62 -18.25 -21.56 -25.69
C THR D 62 -17.28 -22.72 -25.47
N ILE D 63 -16.48 -23.01 -26.49
CA ILE D 63 -15.58 -24.17 -26.44
C ILE D 63 -14.26 -23.84 -25.77
N SER D 64 -13.99 -22.58 -25.48
CA SER D 64 -12.77 -22.23 -24.76
C SER D 64 -12.77 -22.85 -23.37
N ARG D 65 -13.91 -22.79 -22.67
CA ARG D 65 -14.00 -23.37 -21.34
C ARG D 65 -14.15 -24.89 -21.39
N TYR D 66 -14.75 -25.42 -22.46
CA TYR D 66 -15.00 -26.86 -22.56
C TYR D 66 -13.69 -27.62 -22.70
N ALA D 67 -13.78 -28.95 -22.79
CA ALA D 67 -12.63 -29.82 -22.92
C ALA D 67 -12.78 -30.71 -24.15
N MET D 68 -11.72 -31.45 -24.44
CA MET D 68 -11.69 -32.34 -25.58
C MET D 68 -10.66 -33.42 -25.33
N SER D 69 -10.76 -34.50 -26.10
CA SER D 69 -9.85 -35.62 -25.97
C SER D 69 -9.76 -36.35 -27.29
N TRP D 70 -8.66 -37.07 -27.48
CA TRP D 70 -8.40 -37.85 -28.68
C TRP D 70 -8.56 -39.32 -28.36
N PHE D 71 -8.36 -40.17 -29.37
CA PHE D 71 -8.56 -41.60 -29.20
C PHE D 71 -7.88 -42.33 -30.35
N ARG D 72 -7.76 -43.64 -30.18
CA ARG D 72 -7.14 -44.51 -31.17
C ARG D 72 -7.97 -45.79 -31.26
N GLN D 73 -8.14 -46.29 -32.48
CA GLN D 73 -8.86 -47.54 -32.71
C GLN D 73 -8.09 -48.32 -33.78
N ALA D 74 -7.16 -49.16 -33.32
CA ALA D 74 -6.43 -50.03 -34.22
C ALA D 74 -7.31 -51.22 -34.64
N PRO D 75 -6.98 -51.89 -35.76
CA PRO D 75 -7.79 -53.03 -36.19
C PRO D 75 -8.00 -54.02 -35.05
N GLY D 76 -9.24 -54.18 -34.64
CA GLY D 76 -9.56 -55.00 -33.48
C GLY D 76 -9.60 -54.23 -32.17
N LYS D 77 -8.52 -53.50 -31.89
CA LYS D 77 -8.50 -52.65 -30.71
C LYS D 77 -9.56 -51.56 -30.83
N GLU D 78 -10.11 -51.16 -29.68
CA GLU D 78 -11.26 -50.26 -29.65
C GLU D 78 -10.95 -49.05 -28.80
N ARG D 79 -11.05 -47.86 -29.37
CA ARG D 79 -10.86 -46.62 -28.59
C ARG D 79 -9.72 -46.63 -27.57
N GLU D 80 -8.49 -46.80 -28.02
CA GLU D 80 -7.35 -46.71 -27.12
C GLU D 80 -7.11 -45.24 -26.81
N PHE D 81 -6.71 -44.93 -25.59
CA PHE D 81 -6.52 -43.53 -25.20
C PHE D 81 -5.35 -42.87 -25.94
N VAL D 82 -5.53 -41.61 -26.32
CA VAL D 82 -4.45 -40.87 -26.99
C VAL D 82 -3.92 -39.76 -26.10
N ALA D 83 -4.78 -38.81 -25.75
CA ALA D 83 -4.34 -37.62 -25.00
C ALA D 83 -5.57 -36.94 -24.41
N VAL D 84 -5.33 -35.89 -23.63
CA VAL D 84 -6.38 -35.06 -23.05
C VAL D 84 -6.03 -33.60 -23.24
N ALA D 85 -7.07 -32.76 -23.15
CA ALA D 85 -6.93 -31.30 -23.14
C ALA D 85 -7.74 -30.81 -21.94
N ARG D 86 -7.09 -30.74 -20.77
CA ARG D 86 -7.83 -30.49 -19.53
C ARG D 86 -8.39 -29.08 -19.49
N ARG D 87 -7.53 -28.07 -19.44
CA ARG D 87 -7.97 -26.70 -19.29
C ARG D 87 -6.87 -25.78 -19.80
N SER D 88 -7.08 -24.47 -19.67
CA SER D 88 -6.04 -23.50 -19.93
C SER D 88 -4.97 -23.52 -18.84
N GLY D 89 -5.31 -23.95 -17.64
CA GLY D 89 -4.39 -23.99 -16.52
C GLY D 89 -3.83 -25.35 -16.17
N ASP D 90 -4.00 -26.35 -17.04
CA ASP D 90 -3.47 -27.69 -16.80
C ASP D 90 -2.98 -28.28 -18.11
N GLY D 91 -2.12 -29.29 -18.00
CA GLY D 91 -1.49 -29.89 -19.15
C GLY D 91 -2.30 -31.03 -19.74
N ALA D 92 -1.60 -31.90 -20.46
CA ALA D 92 -2.21 -33.03 -21.16
C ALA D 92 -1.56 -34.32 -20.65
N PHE D 93 -2.35 -35.14 -19.98
CA PHE D 93 -1.88 -36.44 -19.47
C PHE D 93 -1.82 -37.41 -20.64
N TYR D 94 -0.62 -37.62 -21.17
CA TYR D 94 -0.46 -38.44 -22.35
C TYR D 94 -0.85 -39.89 -22.06
N ALA D 95 -0.83 -40.71 -23.10
CA ALA D 95 -1.31 -42.09 -22.99
C ALA D 95 -0.17 -43.00 -22.54
N ASP D 96 -0.40 -44.32 -22.63
CA ASP D 96 0.52 -45.27 -22.03
C ASP D 96 1.90 -45.20 -22.66
N SER D 97 1.96 -45.13 -24.00
CA SER D 97 3.23 -45.25 -24.70
C SER D 97 3.68 -44.00 -25.42
N VAL D 98 2.77 -43.09 -25.76
CA VAL D 98 3.11 -41.93 -26.58
C VAL D 98 3.58 -40.78 -25.69
N GLN D 99 3.75 -41.05 -24.40
CA GLN D 99 4.22 -40.01 -23.50
C GLN D 99 5.55 -39.45 -23.98
N GLY D 100 5.69 -38.13 -23.94
CA GLY D 100 6.90 -37.47 -24.36
C GLY D 100 7.04 -37.26 -25.84
N ARG D 101 6.06 -37.68 -26.64
CA ARG D 101 6.13 -37.51 -28.09
C ARG D 101 4.87 -36.82 -28.62
N PHE D 102 3.72 -37.13 -28.04
CA PHE D 102 2.45 -36.57 -28.47
C PHE D 102 2.09 -35.40 -27.56
N THR D 103 1.94 -34.22 -28.15
CA THR D 103 1.68 -32.99 -27.40
C THR D 103 0.32 -32.44 -27.80
N VAL D 104 -0.47 -32.06 -26.80
CA VAL D 104 -1.79 -31.47 -27.00
C VAL D 104 -1.71 -30.00 -26.61
N SER D 105 -1.97 -29.13 -27.58
CA SER D 105 -1.98 -27.68 -27.36
C SER D 105 -3.38 -27.15 -27.63
N ARG D 106 -3.73 -26.07 -26.94
CA ARG D 106 -5.08 -25.51 -27.08
C ARG D 106 -5.12 -23.99 -27.02
N ASP D 107 -5.70 -23.36 -28.03
CA ASP D 107 -5.85 -21.92 -28.11
C ASP D 107 -7.31 -21.56 -27.88
N ASP D 108 -7.55 -20.68 -26.92
CA ASP D 108 -8.92 -20.36 -26.53
C ASP D 108 -9.63 -19.53 -27.57
N ALA D 109 -8.97 -18.51 -28.10
CA ALA D 109 -9.64 -17.57 -29.01
C ALA D 109 -10.17 -18.28 -30.25
N LYS D 110 -9.35 -19.15 -30.85
CA LYS D 110 -9.77 -19.86 -32.05
C LYS D 110 -10.82 -20.92 -31.76
N ASN D 111 -11.11 -21.20 -30.49
CA ASN D 111 -12.10 -22.22 -30.12
C ASN D 111 -11.71 -23.58 -30.70
N THR D 112 -10.57 -24.08 -30.23
CA THR D 112 -10.02 -25.31 -30.79
C THR D 112 -9.10 -25.97 -29.78
N VAL D 113 -8.86 -27.26 -30.00
CA VAL D 113 -7.82 -28.02 -29.33
C VAL D 113 -6.84 -28.50 -30.39
N TYR D 114 -5.57 -28.21 -30.19
CA TYR D 114 -4.53 -28.52 -31.18
C TYR D 114 -3.66 -29.67 -30.69
N LEU D 115 -2.78 -30.13 -31.58
CA LEU D 115 -1.90 -31.25 -31.31
C LEU D 115 -0.68 -31.13 -32.21
N GLN D 116 0.50 -31.35 -31.65
CA GLN D 116 1.75 -31.34 -32.40
C GLN D 116 2.36 -32.74 -32.29
N MET D 117 1.94 -33.63 -33.17
CA MET D 117 2.43 -35.00 -33.13
C MET D 117 3.86 -35.07 -33.68
N ASN D 118 4.66 -35.96 -33.11
CA ASN D 118 6.07 -36.07 -33.45
C ASN D 118 6.45 -37.53 -33.66
N SER D 119 7.42 -37.75 -34.54
CA SER D 119 8.13 -39.02 -34.67
C SER D 119 7.15 -40.19 -34.72
N LEU D 120 6.35 -40.22 -35.79
CA LEU D 120 5.40 -41.30 -35.98
C LEU D 120 6.14 -42.63 -36.15
N LYS D 121 5.54 -43.69 -35.63
CA LYS D 121 6.07 -45.04 -35.76
C LYS D 121 4.92 -45.97 -36.08
N PRO D 122 5.20 -47.15 -36.66
CA PRO D 122 4.10 -48.02 -37.11
C PRO D 122 3.22 -48.54 -35.98
N GLU D 123 3.60 -48.33 -34.72
CA GLU D 123 2.73 -48.67 -33.61
C GLU D 123 1.67 -47.61 -33.36
N ASP D 124 1.70 -46.51 -34.11
CA ASP D 124 0.63 -45.52 -34.11
C ASP D 124 -0.38 -45.74 -35.23
N THR D 125 -0.21 -46.80 -36.01
CA THR D 125 -1.08 -47.03 -37.17
C THR D 125 -2.47 -47.42 -36.71
N ALA D 126 -3.41 -46.49 -36.78
CA ALA D 126 -4.81 -46.74 -36.43
C ALA D 126 -5.62 -45.51 -36.82
N VAL D 127 -6.90 -45.54 -36.49
CA VAL D 127 -7.81 -44.43 -36.75
C VAL D 127 -7.97 -43.62 -35.48
N TYR D 128 -8.03 -42.30 -35.62
CA TYR D 128 -8.05 -41.37 -34.50
C TYR D 128 -9.36 -40.58 -34.51
N TYR D 129 -9.93 -40.37 -33.34
CA TYR D 129 -11.27 -39.81 -33.20
C TYR D 129 -11.25 -38.61 -32.25
N CYS D 130 -12.25 -37.75 -32.42
CA CYS D 130 -12.42 -36.55 -31.61
C CYS D 130 -13.63 -36.74 -30.69
N ALA D 131 -13.42 -36.47 -29.39
CA ALA D 131 -14.47 -36.60 -28.40
C ALA D 131 -14.50 -35.35 -27.52
N ILE D 132 -15.70 -35.01 -27.03
CA ILE D 132 -15.93 -33.81 -26.26
C ILE D 132 -16.47 -34.20 -24.89
N ASP D 133 -15.87 -33.66 -23.84
CA ASP D 133 -16.38 -33.89 -22.49
C ASP D 133 -17.78 -33.31 -22.35
N SER D 134 -18.63 -34.00 -21.60
CA SER D 134 -20.02 -33.60 -21.38
C SER D 134 -20.26 -33.11 -19.97
N ASP D 135 -19.27 -32.44 -19.37
CA ASP D 135 -19.39 -31.92 -18.03
C ASP D 135 -18.30 -30.88 -17.80
N THR D 136 -18.21 -30.39 -16.57
CA THR D 136 -17.19 -29.43 -16.17
C THR D 136 -16.17 -30.00 -15.20
N PHE D 137 -16.50 -31.08 -14.51
CA PHE D 137 -15.59 -31.73 -13.58
C PHE D 137 -14.77 -32.83 -14.22
N TYR D 138 -14.93 -33.04 -15.53
CA TYR D 138 -14.04 -33.90 -16.32
C TYR D 138 -14.20 -35.37 -15.94
N SER D 139 -15.44 -35.82 -15.78
CA SER D 139 -15.68 -37.24 -15.56
C SER D 139 -15.33 -38.05 -16.79
N GLY D 140 -15.44 -37.44 -17.97
CA GLY D 140 -15.10 -38.12 -19.21
C GLY D 140 -16.31 -38.43 -20.08
N SER D 141 -17.49 -38.03 -19.63
CA SER D 141 -18.70 -38.27 -20.40
C SER D 141 -18.58 -37.64 -21.78
N TYR D 142 -18.89 -38.43 -22.81
CA TYR D 142 -18.76 -38.00 -24.21
C TYR D 142 -20.08 -38.25 -24.92
N ASP D 143 -20.47 -37.29 -25.77
CA ASP D 143 -21.74 -37.37 -26.48
C ASP D 143 -21.55 -37.23 -27.98
N TYR D 144 -20.56 -36.45 -28.39
CA TYR D 144 -20.27 -36.24 -29.81
C TYR D 144 -18.89 -36.82 -30.12
N TRP D 145 -18.83 -37.63 -31.18
CA TRP D 145 -17.59 -38.28 -31.60
C TRP D 145 -17.27 -37.91 -33.03
N GLY D 146 -15.99 -38.02 -33.38
CA GLY D 146 -15.52 -37.68 -34.69
C GLY D 146 -15.92 -38.69 -35.74
N GLN D 147 -15.24 -38.62 -36.90
CA GLN D 147 -15.53 -39.49 -38.03
C GLN D 147 -14.38 -40.45 -38.32
N GLY D 148 -13.17 -39.92 -38.55
CA GLY D 148 -12.04 -40.78 -38.87
C GLY D 148 -10.86 -40.04 -39.46
N THR D 149 -9.66 -40.43 -39.03
CA THR D 149 -8.42 -39.82 -39.50
C THR D 149 -7.32 -40.87 -39.33
N GLN D 150 -6.86 -41.45 -40.42
CA GLN D 150 -5.86 -42.52 -40.34
C GLN D 150 -4.46 -42.00 -40.08
N VAL D 151 -3.80 -42.52 -39.05
CA VAL D 151 -2.43 -42.13 -38.76
C VAL D 151 -1.57 -43.37 -38.83
N THR D 152 -0.54 -43.36 -39.66
CA THR D 152 0.29 -44.56 -39.84
C THR D 152 1.69 -44.26 -40.36
#